data_6ATN
# 
_entry.id   6ATN 
# 
_audit_conform.dict_name       mmcif_pdbx.dic 
_audit_conform.dict_version    5.398 
_audit_conform.dict_location   http://mmcif.pdb.org/dictionaries/ascii/mmcif_pdbx.dic 
# 
loop_
_database_2.database_id 
_database_2.database_code 
_database_2.pdbx_database_accession 
_database_2.pdbx_DOI 
PDB   6ATN         pdb_00006atn 10.2210/pdb6atn/pdb 
WWPDB D_1000229816 ?            ?                   
# 
loop_
_pdbx_audit_revision_history.ordinal 
_pdbx_audit_revision_history.data_content_type 
_pdbx_audit_revision_history.major_revision 
_pdbx_audit_revision_history.minor_revision 
_pdbx_audit_revision_history.revision_date 
1 'Structure model' 1 0 2018-02-28 
2 'Structure model' 1 1 2018-03-14 
3 'Structure model' 1 2 2024-11-13 
# 
_pdbx_audit_revision_details.ordinal             1 
_pdbx_audit_revision_details.revision_ordinal    1 
_pdbx_audit_revision_details.data_content_type   'Structure model' 
_pdbx_audit_revision_details.provider            repository 
_pdbx_audit_revision_details.type                'Initial release' 
_pdbx_audit_revision_details.description         ? 
_pdbx_audit_revision_details.details             ? 
# 
loop_
_pdbx_audit_revision_group.ordinal 
_pdbx_audit_revision_group.revision_ordinal 
_pdbx_audit_revision_group.data_content_type 
_pdbx_audit_revision_group.group 
1 2 'Structure model' 'Database references' 
2 3 'Structure model' 'Data collection'     
3 3 'Structure model' 'Database references' 
4 3 'Structure model' 'Structure summary'   
# 
loop_
_pdbx_audit_revision_category.ordinal 
_pdbx_audit_revision_category.revision_ordinal 
_pdbx_audit_revision_category.data_content_type 
_pdbx_audit_revision_category.category 
1 2 'Structure model' citation                  
2 2 'Structure model' citation_author           
3 3 'Structure model' chem_comp_atom            
4 3 'Structure model' chem_comp_bond            
5 3 'Structure model' database_2                
6 3 'Structure model' pdbx_entry_details        
7 3 'Structure model' pdbx_modification_feature 
# 
loop_
_pdbx_audit_revision_item.ordinal 
_pdbx_audit_revision_item.revision_ordinal 
_pdbx_audit_revision_item.data_content_type 
_pdbx_audit_revision_item.item 
1 2 'Structure model' '_citation.journal_abbrev'            
2 2 'Structure model' '_citation.journal_volume'            
3 2 'Structure model' '_citation.page_first'                
4 2 'Structure model' '_citation.page_last'                 
5 2 'Structure model' '_citation.pdbx_database_id_PubMed'   
6 2 'Structure model' '_citation.title'                     
7 2 'Structure model' '_citation_author.name'               
8 3 'Structure model' '_database_2.pdbx_DOI'                
9 3 'Structure model' '_database_2.pdbx_database_accession' 
# 
_pdbx_database_status.status_code                     REL 
_pdbx_database_status.status_code_sf                  REL 
_pdbx_database_status.status_code_mr                  ? 
_pdbx_database_status.entry_id                        6ATN 
_pdbx_database_status.recvd_initial_deposition_date   2017-08-29 
_pdbx_database_status.SG_entry                        N 
_pdbx_database_status.deposit_site                    RCSB 
_pdbx_database_status.process_site                    RCSB 
_pdbx_database_status.status_code_cs                  ? 
_pdbx_database_status.methods_development_category    ? 
_pdbx_database_status.pdb_format_compatible           Y 
_pdbx_database_status.status_code_nmr_data            ? 
# 
loop_
_pdbx_database_related.db_name 
_pdbx_database_related.details 
_pdbx_database_related.db_id 
_pdbx_database_related.content_type 
PDB . 6ATL unspecified 
PDB . 6ATM unspecified 
# 
loop_
_audit_author.name 
_audit_author.pdbx_ordinal 
_audit_author.identifier_ORCID 
'Gewe, M.M.'   1 ? 
'Rupert, P.'   2 ? 
'Strong, R.K.' 3 ? 
# 
_citation.abstract                  ? 
_citation.abstract_id_CAS           ? 
_citation.book_id_ISBN              ? 
_citation.book_publisher            ? 
_citation.book_publisher_city       ? 
_citation.book_title                ? 
_citation.coordinate_linkage        ? 
_citation.country                   US 
_citation.database_id_Medline       ? 
_citation.details                   ? 
_citation.id                        primary 
_citation.journal_abbrev            'Nat. Struct. Mol. Biol.' 
_citation.journal_id_ASTM           ? 
_citation.journal_id_CSD            ? 
_citation.journal_id_ISSN           1545-9985 
_citation.journal_full              ? 
_citation.journal_issue             ? 
_citation.journal_volume            25 
_citation.language                  ? 
_citation.page_first                270 
_citation.page_last                 278 
_citation.title                     
'Screening, large-scale production and structure-based classification of cystine-dense peptides.' 
_citation.year                      2018 
_citation.database_id_CSD           ? 
_citation.pdbx_database_id_DOI      10.1038/s41594-018-0033-9 
_citation.pdbx_database_id_PubMed   29483648 
_citation.unpublished_flag          ? 
# 
loop_
_citation_author.citation_id 
_citation_author.name 
_citation_author.ordinal 
_citation_author.identifier_ORCID 
primary 'Correnti, C.E.'          1  ? 
primary 'Gewe, M.M.'              2  ? 
primary 'Mehlin, C.'              3  ? 
primary 'Bandaranayake, A.D.'     4  ? 
primary 'Johnsen, W.A.'           5  ? 
primary 'Rupert, P.B.'            6  ? 
primary 'Brusniak, M.Y.'          7  ? 
primary 'Clarke, M.'              8  ? 
primary 'Burke, S.E.'             9  ? 
primary 'De Van Der Schueren, W.' 10 ? 
primary 'Pilat, K.'               11 ? 
primary 'Turnbaugh, S.M.'         12 ? 
primary 'May, D.'                 13 ? 
primary 'Watson, A.'              14 ? 
primary 'Chan, M.K.'              15 ? 
primary 'Bahl, C.D.'              16 ? 
primary 'Olson, J.M.'             17 ? 
primary 'Strong, R.K.'            18 ? 
# 
loop_
_entity.id 
_entity.type 
_entity.src_method 
_entity.pdbx_description 
_entity.formula_weight 
_entity.pdbx_number_of_molecules 
_entity.pdbx_ec 
_entity.pdbx_mutation 
_entity.pdbx_fragment 
_entity.details 
1 polymer man 'Potassium channel toxin alpha-KTx 4.5' 4144.028 1  ? ? ? ? 
2 water   nat water                                   18.015   45 ? ? ? ? 
# 
_entity_poly.entity_id                      1 
_entity_poly.type                           'polypeptide(L)' 
_entity_poly.nstd_linkage                   no 
_entity_poly.nstd_monomer                   no 
_entity_poly.pdbx_seq_one_letter_code       GSVFINVKCRGSPECLPKCKEAIGKSAGKCMNGKCKCYP 
_entity_poly.pdbx_seq_one_letter_code_can   GSVFINVKCRGSPECLPKCKEAIGKSAGKCMNGKCKCYP 
_entity_poly.pdbx_strand_id                 A 
_entity_poly.pdbx_target_identifier         ? 
# 
_pdbx_entity_nonpoly.entity_id   2 
_pdbx_entity_nonpoly.name        water 
_pdbx_entity_nonpoly.comp_id     HOH 
# 
loop_
_entity_poly_seq.entity_id 
_entity_poly_seq.num 
_entity_poly_seq.mon_id 
_entity_poly_seq.hetero 
1 1  GLY n 
1 2  SER n 
1 3  VAL n 
1 4  PHE n 
1 5  ILE n 
1 6  ASN n 
1 7  VAL n 
1 8  LYS n 
1 9  CYS n 
1 10 ARG n 
1 11 GLY n 
1 12 SER n 
1 13 PRO n 
1 14 GLU n 
1 15 CYS n 
1 16 LEU n 
1 17 PRO n 
1 18 LYS n 
1 19 CYS n 
1 20 LYS n 
1 21 GLU n 
1 22 ALA n 
1 23 ILE n 
1 24 GLY n 
1 25 LYS n 
1 26 SER n 
1 27 ALA n 
1 28 GLY n 
1 29 LYS n 
1 30 CYS n 
1 31 MET n 
1 32 ASN n 
1 33 GLY n 
1 34 LYS n 
1 35 CYS n 
1 36 LYS n 
1 37 CYS n 
1 38 TYR n 
1 39 PRO n 
# 
_entity_src_gen.entity_id                          1 
_entity_src_gen.pdbx_src_id                        1 
_entity_src_gen.pdbx_alt_source_flag               sample 
_entity_src_gen.pdbx_seq_type                      'Biological sequence' 
_entity_src_gen.pdbx_beg_seq_num                   1 
_entity_src_gen.pdbx_end_seq_num                   39 
_entity_src_gen.gene_src_common_name               'Brazilian scorpion' 
_entity_src_gen.gene_src_genus                     ? 
_entity_src_gen.pdbx_gene_src_gene                 ? 
_entity_src_gen.gene_src_species                   ? 
_entity_src_gen.gene_src_strain                    ? 
_entity_src_gen.gene_src_tissue                    ? 
_entity_src_gen.gene_src_tissue_fraction           ? 
_entity_src_gen.gene_src_details                   ? 
_entity_src_gen.pdbx_gene_src_fragment             ? 
_entity_src_gen.pdbx_gene_src_scientific_name      'Tityus costatus' 
_entity_src_gen.pdbx_gene_src_ncbi_taxonomy_id     309814 
_entity_src_gen.pdbx_gene_src_variant              ? 
_entity_src_gen.pdbx_gene_src_cell_line            ? 
_entity_src_gen.pdbx_gene_src_atcc                 ? 
_entity_src_gen.pdbx_gene_src_organ                ? 
_entity_src_gen.pdbx_gene_src_organelle            ? 
_entity_src_gen.pdbx_gene_src_cell                 ? 
_entity_src_gen.pdbx_gene_src_cellular_location    ? 
_entity_src_gen.host_org_common_name               ? 
_entity_src_gen.pdbx_host_org_scientific_name      'Homo sapiens' 
_entity_src_gen.pdbx_host_org_ncbi_taxonomy_id     9606 
_entity_src_gen.host_org_genus                     ? 
_entity_src_gen.pdbx_host_org_gene                 ? 
_entity_src_gen.pdbx_host_org_organ                ? 
_entity_src_gen.host_org_species                   ? 
_entity_src_gen.pdbx_host_org_tissue               ? 
_entity_src_gen.pdbx_host_org_tissue_fraction      ? 
_entity_src_gen.pdbx_host_org_strain               ? 
_entity_src_gen.pdbx_host_org_variant              ? 
_entity_src_gen.pdbx_host_org_cell_line            HEK-293F 
_entity_src_gen.pdbx_host_org_atcc                 ? 
_entity_src_gen.pdbx_host_org_culture_collection   ? 
_entity_src_gen.pdbx_host_org_cell                 ? 
_entity_src_gen.pdbx_host_org_organelle            ? 
_entity_src_gen.pdbx_host_org_cellular_location    ? 
_entity_src_gen.pdbx_host_org_vector_type          ? 
_entity_src_gen.pdbx_host_org_vector               ? 
_entity_src_gen.host_org_details                   ? 
_entity_src_gen.expression_system_id               ? 
_entity_src_gen.plasmid_name                       ? 
_entity_src_gen.plasmid_details                    ? 
_entity_src_gen.pdbx_description                   ? 
# 
loop_
_chem_comp.id 
_chem_comp.type 
_chem_comp.mon_nstd_flag 
_chem_comp.name 
_chem_comp.pdbx_synonyms 
_chem_comp.formula 
_chem_comp.formula_weight 
ALA 'L-peptide linking' y ALANINE         ? 'C3 H7 N O2'     89.093  
ARG 'L-peptide linking' y ARGININE        ? 'C6 H15 N4 O2 1' 175.209 
ASN 'L-peptide linking' y ASPARAGINE      ? 'C4 H8 N2 O3'    132.118 
CYS 'L-peptide linking' y CYSTEINE        ? 'C3 H7 N O2 S'   121.158 
GLU 'L-peptide linking' y 'GLUTAMIC ACID' ? 'C5 H9 N O4'     147.129 
GLY 'peptide linking'   y GLYCINE         ? 'C2 H5 N O2'     75.067  
HOH non-polymer         . WATER           ? 'H2 O'           18.015  
ILE 'L-peptide linking' y ISOLEUCINE      ? 'C6 H13 N O2'    131.173 
LEU 'L-peptide linking' y LEUCINE         ? 'C6 H13 N O2'    131.173 
LYS 'L-peptide linking' y LYSINE          ? 'C6 H15 N2 O2 1' 147.195 
MET 'L-peptide linking' y METHIONINE      ? 'C5 H11 N O2 S'  149.211 
PHE 'L-peptide linking' y PHENYLALANINE   ? 'C9 H11 N O2'    165.189 
PRO 'L-peptide linking' y PROLINE         ? 'C5 H9 N O2'     115.130 
SER 'L-peptide linking' y SERINE          ? 'C3 H7 N O3'     105.093 
TYR 'L-peptide linking' y TYROSINE        ? 'C9 H11 N O3'    181.189 
VAL 'L-peptide linking' y VALINE          ? 'C5 H11 N O2'    117.146 
# 
loop_
_pdbx_poly_seq_scheme.asym_id 
_pdbx_poly_seq_scheme.entity_id 
_pdbx_poly_seq_scheme.seq_id 
_pdbx_poly_seq_scheme.mon_id 
_pdbx_poly_seq_scheme.ndb_seq_num 
_pdbx_poly_seq_scheme.pdb_seq_num 
_pdbx_poly_seq_scheme.auth_seq_num 
_pdbx_poly_seq_scheme.pdb_mon_id 
_pdbx_poly_seq_scheme.auth_mon_id 
_pdbx_poly_seq_scheme.pdb_strand_id 
_pdbx_poly_seq_scheme.pdb_ins_code 
_pdbx_poly_seq_scheme.hetero 
A 1 1  GLY 1  -1 -1 GLY GLY A . n 
A 1 2  SER 2  0  0  SER SER A . n 
A 1 3  VAL 3  1  1  VAL VAL A . n 
A 1 4  PHE 4  2  2  PHE PHE A . n 
A 1 5  ILE 5  3  3  ILE ILE A . n 
A 1 6  ASN 6  4  4  ASN ASN A . n 
A 1 7  VAL 7  5  5  VAL VAL A . n 
A 1 8  LYS 8  6  6  LYS LYS A . n 
A 1 9  CYS 9  7  7  CYS CYS A . n 
A 1 10 ARG 10 8  8  ARG ARG A . n 
A 1 11 GLY 11 9  9  GLY GLY A . n 
A 1 12 SER 12 10 10 SER SER A . n 
A 1 13 PRO 13 11 11 PRO PRO A . n 
A 1 14 GLU 14 12 12 GLU GLU A . n 
A 1 15 CYS 15 13 13 CYS CYS A . n 
A 1 16 LEU 16 14 14 LEU LEU A . n 
A 1 17 PRO 17 15 15 PRO PRO A . n 
A 1 18 LYS 18 16 16 LYS LYS A . n 
A 1 19 CYS 19 17 17 CYS CYS A . n 
A 1 20 LYS 20 18 18 LYS LYS A . n 
A 1 21 GLU 21 19 19 GLU GLU A . n 
A 1 22 ALA 22 20 20 ALA ALA A . n 
A 1 23 ILE 23 21 21 ILE ILE A . n 
A 1 24 GLY 24 22 22 GLY GLY A . n 
A 1 25 LYS 25 23 23 LYS LYS A . n 
A 1 26 SER 26 24 24 SER SER A . n 
A 1 27 ALA 27 25 25 ALA ALA A . n 
A 1 28 GLY 28 26 26 GLY GLY A . n 
A 1 29 LYS 29 27 27 LYS LYS A . n 
A 1 30 CYS 30 28 28 CYS CYS A . n 
A 1 31 MET 31 29 29 MET MET A . n 
A 1 32 ASN 32 30 30 ASN ASN A . n 
A 1 33 GLY 33 31 31 GLY GLY A . n 
A 1 34 LYS 34 32 32 LYS LYS A . n 
A 1 35 CYS 35 33 33 CYS CYS A . n 
A 1 36 LYS 36 34 34 LYS LYS A . n 
A 1 37 CYS 37 35 35 CYS CYS A . n 
A 1 38 TYR 38 36 36 TYR TYR A . n 
A 1 39 PRO 39 37 37 PRO PRO A . n 
# 
loop_
_pdbx_nonpoly_scheme.asym_id 
_pdbx_nonpoly_scheme.entity_id 
_pdbx_nonpoly_scheme.mon_id 
_pdbx_nonpoly_scheme.ndb_seq_num 
_pdbx_nonpoly_scheme.pdb_seq_num 
_pdbx_nonpoly_scheme.auth_seq_num 
_pdbx_nonpoly_scheme.pdb_mon_id 
_pdbx_nonpoly_scheme.auth_mon_id 
_pdbx_nonpoly_scheme.pdb_strand_id 
_pdbx_nonpoly_scheme.pdb_ins_code 
B 2 HOH 1  101 37 HOH HOH A . 
B 2 HOH 2  102 21 HOH HOH A . 
B 2 HOH 3  103 25 HOH HOH A . 
B 2 HOH 4  104 13 HOH HOH A . 
B 2 HOH 5  105 20 HOH HOH A . 
B 2 HOH 6  106 43 HOH HOH A . 
B 2 HOH 7  107 5  HOH HOH A . 
B 2 HOH 8  108 36 HOH HOH A . 
B 2 HOH 9  109 34 HOH HOH A . 
B 2 HOH 10 110 16 HOH HOH A . 
B 2 HOH 11 111 27 HOH HOH A . 
B 2 HOH 12 112 15 HOH HOH A . 
B 2 HOH 13 113 22 HOH HOH A . 
B 2 HOH 14 114 12 HOH HOH A . 
B 2 HOH 15 115 18 HOH HOH A . 
B 2 HOH 16 116 1  HOH HOH A . 
B 2 HOH 17 117 6  HOH HOH A . 
B 2 HOH 18 118 9  HOH HOH A . 
B 2 HOH 19 119 8  HOH HOH A . 
B 2 HOH 20 120 29 HOH HOH A . 
B 2 HOH 21 121 17 HOH HOH A . 
B 2 HOH 22 122 4  HOH HOH A . 
B 2 HOH 23 123 10 HOH HOH A . 
B 2 HOH 24 124 7  HOH HOH A . 
B 2 HOH 25 125 24 HOH HOH A . 
B 2 HOH 26 126 3  HOH HOH A . 
B 2 HOH 27 127 11 HOH HOH A . 
B 2 HOH 28 128 40 HOH HOH A . 
B 2 HOH 29 129 2  HOH HOH A . 
B 2 HOH 30 130 35 HOH HOH A . 
B 2 HOH 31 131 19 HOH HOH A . 
B 2 HOH 32 132 28 HOH HOH A . 
B 2 HOH 33 133 23 HOH HOH A . 
B 2 HOH 34 134 38 HOH HOH A . 
B 2 HOH 35 135 32 HOH HOH A . 
B 2 HOH 36 136 39 HOH HOH A . 
B 2 HOH 37 137 44 HOH HOH A . 
B 2 HOH 38 138 45 HOH HOH A . 
B 2 HOH 39 139 33 HOH HOH A . 
B 2 HOH 40 140 26 HOH HOH A . 
B 2 HOH 41 141 30 HOH HOH A . 
B 2 HOH 42 142 31 HOH HOH A . 
B 2 HOH 43 143 42 HOH HOH A . 
B 2 HOH 44 144 14 HOH HOH A . 
B 2 HOH 45 145 41 HOH HOH A . 
# 
loop_
_software.citation_id 
_software.classification 
_software.compiler_name 
_software.compiler_version 
_software.contact_author 
_software.contact_author_email 
_software.date 
_software.description 
_software.dependencies 
_software.hardware 
_software.language 
_software.location 
_software.mods 
_software.name 
_software.os 
_software.os_version 
_software.type 
_software.version 
_software.pdbx_ordinal 
? refinement       ? ? ? ? ? ? ? ? ? ? ? REFMAC   ? ? ? 5.8.0155 1 
? 'data reduction' ? ? ? ? ? ? ? ? ? ? ? HKL-2000 ? ? ? .        2 
? 'data scaling'   ? ? ? ? ? ? ? ? ? ? ? HKL-2000 ? ? ? .        3 
? phasing          ? ? ? ? ? ? ? ? ? ? ? PHASER   ? ? ? .        4 
# 
_cell.angle_alpha                  90.00 
_cell.angle_alpha_esd              ? 
_cell.angle_beta                   90.00 
_cell.angle_beta_esd               ? 
_cell.angle_gamma                  90.00 
_cell.angle_gamma_esd              ? 
_cell.entry_id                     6ATN 
_cell.details                      ? 
_cell.formula_units_Z              ? 
_cell.length_a                     46.567 
_cell.length_a_esd                 ? 
_cell.length_b                     46.567 
_cell.length_b_esd                 ? 
_cell.length_c                     44.337 
_cell.length_c_esd                 ? 
_cell.volume                       ? 
_cell.volume_esd                   ? 
_cell.Z_PDB                        8 
_cell.reciprocal_angle_alpha       ? 
_cell.reciprocal_angle_beta        ? 
_cell.reciprocal_angle_gamma       ? 
_cell.reciprocal_angle_alpha_esd   ? 
_cell.reciprocal_angle_beta_esd    ? 
_cell.reciprocal_angle_gamma_esd   ? 
_cell.reciprocal_length_a          ? 
_cell.reciprocal_length_b          ? 
_cell.reciprocal_length_c          ? 
_cell.reciprocal_length_a_esd      ? 
_cell.reciprocal_length_b_esd      ? 
_cell.reciprocal_length_c_esd      ? 
_cell.pdbx_unique_axis             ? 
# 
_symmetry.entry_id                         6ATN 
_symmetry.cell_setting                     ? 
_symmetry.Int_Tables_number                92 
_symmetry.space_group_name_Hall            ? 
_symmetry.space_group_name_H-M             'P 41 21 2' 
_symmetry.pdbx_full_space_group_name_H-M   ? 
# 
_exptl.absorpt_coefficient_mu     ? 
_exptl.absorpt_correction_T_max   ? 
_exptl.absorpt_correction_T_min   ? 
_exptl.absorpt_correction_type    ? 
_exptl.absorpt_process_details    ? 
_exptl.entry_id                   6ATN 
_exptl.crystals_number            1 
_exptl.details                    ? 
_exptl.method                     'X-RAY DIFFRACTION' 
_exptl.method_details             ? 
# 
_exptl_crystal.colour                      ? 
_exptl_crystal.density_diffrn              ? 
_exptl_crystal.density_Matthews            2.90 
_exptl_crystal.density_method              ? 
_exptl_crystal.density_percent_sol         57.59 
_exptl_crystal.description                 ? 
_exptl_crystal.F_000                       ? 
_exptl_crystal.id                          1 
_exptl_crystal.preparation                 ? 
_exptl_crystal.size_max                    ? 
_exptl_crystal.size_mid                    ? 
_exptl_crystal.size_min                    ? 
_exptl_crystal.size_rad                    ? 
_exptl_crystal.colour_lustre               ? 
_exptl_crystal.colour_modifier             ? 
_exptl_crystal.colour_primary              ? 
_exptl_crystal.density_meas                ? 
_exptl_crystal.density_meas_esd            ? 
_exptl_crystal.density_meas_gt             ? 
_exptl_crystal.density_meas_lt             ? 
_exptl_crystal.density_meas_temp           ? 
_exptl_crystal.density_meas_temp_esd       ? 
_exptl_crystal.density_meas_temp_gt        ? 
_exptl_crystal.density_meas_temp_lt        ? 
_exptl_crystal.pdbx_crystal_image_url      ? 
_exptl_crystal.pdbx_crystal_image_format   ? 
_exptl_crystal.pdbx_mosaicity              ? 
_exptl_crystal.pdbx_mosaicity_esd          ? 
# 
_exptl_crystal_grow.apparatus       ? 
_exptl_crystal_grow.atmosphere      ? 
_exptl_crystal_grow.crystal_id      1 
_exptl_crystal_grow.details         ? 
_exptl_crystal_grow.method          'VAPOR DIFFUSION, SITTING DROP' 
_exptl_crystal_grow.method_ref      ? 
_exptl_crystal_grow.pH              7.0 
_exptl_crystal_grow.pressure        ? 
_exptl_crystal_grow.pressure_esd    ? 
_exptl_crystal_grow.seeding         ? 
_exptl_crystal_grow.seeding_ref     ? 
_exptl_crystal_grow.temp            298 
_exptl_crystal_grow.temp_details    ? 
_exptl_crystal_grow.temp_esd        ? 
_exptl_crystal_grow.time            ? 
_exptl_crystal_grow.pdbx_details    '2.4 M Na malonate pH 7.0' 
_exptl_crystal_grow.pdbx_pH_range   ? 
# 
_diffrn.ambient_environment    ? 
_diffrn.ambient_temp           100 
_diffrn.ambient_temp_details   ? 
_diffrn.ambient_temp_esd       ? 
_diffrn.crystal_id             1 
_diffrn.crystal_support        ? 
_diffrn.crystal_treatment      ? 
_diffrn.details                ? 
_diffrn.id                     1 
_diffrn.ambient_pressure       ? 
_diffrn.ambient_pressure_esd   ? 
_diffrn.ambient_pressure_gt    ? 
_diffrn.ambient_pressure_lt    ? 
_diffrn.ambient_temp_gt        ? 
_diffrn.ambient_temp_lt        ? 
# 
_diffrn_detector.details                      ? 
_diffrn_detector.detector                     CCD 
_diffrn_detector.diffrn_id                    1 
_diffrn_detector.type                         'RIGAKU SATURN 944+' 
_diffrn_detector.area_resol_mean              ? 
_diffrn_detector.dtime                        ? 
_diffrn_detector.pdbx_frames_total            ? 
_diffrn_detector.pdbx_collection_time_total   ? 
_diffrn_detector.pdbx_collection_date         2016-04-04 
# 
_diffrn_radiation.collimation                      ? 
_diffrn_radiation.diffrn_id                        1 
_diffrn_radiation.filter_edge                      ? 
_diffrn_radiation.inhomogeneity                    ? 
_diffrn_radiation.monochromator                    'osmic varimax' 
_diffrn_radiation.polarisn_norm                    ? 
_diffrn_radiation.polarisn_ratio                   ? 
_diffrn_radiation.probe                            ? 
_diffrn_radiation.type                             ? 
_diffrn_radiation.xray_symbol                      ? 
_diffrn_radiation.wavelength_id                    1 
_diffrn_radiation.pdbx_monochromatic_or_laue_m_l   M 
_diffrn_radiation.pdbx_wavelength_list             ? 
_diffrn_radiation.pdbx_wavelength                  ? 
_diffrn_radiation.pdbx_diffrn_protocol             'SINGLE WAVELENGTH' 
_diffrn_radiation.pdbx_analyzer                    ? 
_diffrn_radiation.pdbx_scattering_type             x-ray 
# 
_diffrn_radiation_wavelength.id           1 
_diffrn_radiation_wavelength.wavelength   1.54 
_diffrn_radiation_wavelength.wt           1.0 
# 
_diffrn_source.current                     ? 
_diffrn_source.details                     ? 
_diffrn_source.diffrn_id                   1 
_diffrn_source.power                       ? 
_diffrn_source.size                        ? 
_diffrn_source.source                      'ROTATING ANODE' 
_diffrn_source.target                      ? 
_diffrn_source.type                        'RIGAKU MICROMAX-007 HF' 
_diffrn_source.voltage                     ? 
_diffrn_source.take-off_angle              ? 
_diffrn_source.pdbx_wavelength_list        1.54 
_diffrn_source.pdbx_wavelength             ? 
_diffrn_source.pdbx_synchrotron_beamline   ? 
_diffrn_source.pdbx_synchrotron_site       ? 
# 
_reflns.B_iso_Wilson_estimate            ? 
_reflns.entry_id                         6ATN 
_reflns.data_reduction_details           ? 
_reflns.data_reduction_method            ? 
_reflns.d_resolution_high                1.76 
_reflns.d_resolution_low                 50.00 
_reflns.details                          ? 
_reflns.limit_h_max                      ? 
_reflns.limit_h_min                      ? 
_reflns.limit_k_max                      ? 
_reflns.limit_k_min                      ? 
_reflns.limit_l_max                      ? 
_reflns.limit_l_min                      ? 
_reflns.number_all                       ? 
_reflns.number_obs                       8524 
_reflns.observed_criterion               ? 
_reflns.observed_criterion_F_max         ? 
_reflns.observed_criterion_F_min         ? 
_reflns.observed_criterion_I_max         ? 
_reflns.observed_criterion_I_min         ? 
_reflns.observed_criterion_sigma_F       ? 
_reflns.observed_criterion_sigma_I       ? 
_reflns.percent_possible_obs             44.7 
_reflns.R_free_details                   ? 
_reflns.Rmerge_F_all                     ? 
_reflns.Rmerge_F_obs                     ? 
_reflns.Friedel_coverage                 ? 
_reflns.number_gt                        ? 
_reflns.threshold_expression             ? 
_reflns.pdbx_redundancy                  2.1 
_reflns.pdbx_Rmerge_I_obs                ? 
_reflns.pdbx_Rmerge_I_all                ? 
_reflns.pdbx_Rsym_value                  ? 
_reflns.pdbx_netI_over_av_sigmaI         ? 
_reflns.pdbx_netI_over_sigmaI            25.05 
_reflns.pdbx_res_netI_over_av_sigmaI_2   ? 
_reflns.pdbx_res_netI_over_sigmaI_2      ? 
_reflns.pdbx_chi_squared                 2.1 
_reflns.pdbx_scaling_rejects             ? 
_reflns.pdbx_d_res_high_opt              ? 
_reflns.pdbx_d_res_low_opt               ? 
_reflns.pdbx_d_res_opt_method            ? 
_reflns.phase_calculation_details        ? 
_reflns.pdbx_Rrim_I_all                  ? 
_reflns.pdbx_Rpim_I_all                  ? 
_reflns.pdbx_d_opt                       ? 
_reflns.pdbx_number_measured_all         ? 
_reflns.pdbx_diffrn_id                   1 
_reflns.pdbx_ordinal                     1 
_reflns.pdbx_CC_half                     ? 
_reflns.pdbx_R_split                     ? 
# 
_reflns_shell.d_res_high                  1.76 
_reflns_shell.d_res_low                   1.79 
_reflns_shell.meanI_over_sigI_all         ? 
_reflns_shell.meanI_over_sigI_obs         ? 
_reflns_shell.number_measured_all         ? 
_reflns_shell.number_measured_obs         ? 
_reflns_shell.number_possible             ? 
_reflns_shell.number_unique_all           ? 
_reflns_shell.number_unique_obs           62 
_reflns_shell.percent_possible_all        6.4 
_reflns_shell.percent_possible_obs        ? 
_reflns_shell.Rmerge_F_all                ? 
_reflns_shell.Rmerge_F_obs                ? 
_reflns_shell.Rmerge_I_all                ? 
_reflns_shell.Rmerge_I_obs                0.159 
_reflns_shell.meanI_over_sigI_gt          ? 
_reflns_shell.meanI_over_uI_all           ? 
_reflns_shell.meanI_over_uI_gt            ? 
_reflns_shell.number_measured_gt          ? 
_reflns_shell.number_unique_gt            ? 
_reflns_shell.percent_possible_gt         ? 
_reflns_shell.Rmerge_F_gt                 ? 
_reflns_shell.Rmerge_I_gt                 ? 
_reflns_shell.pdbx_redundancy             1.1 
_reflns_shell.pdbx_Rsym_value             ? 
_reflns_shell.pdbx_chi_squared            ? 
_reflns_shell.pdbx_netI_over_sigmaI_all   ? 
_reflns_shell.pdbx_netI_over_sigmaI_obs   ? 
_reflns_shell.pdbx_Rrim_I_all             ? 
_reflns_shell.pdbx_Rpim_I_all             0.173 
_reflns_shell.pdbx_rejects                ? 
_reflns_shell.pdbx_ordinal                1 
_reflns_shell.pdbx_diffrn_id              1 
_reflns_shell.pdbx_CC_half                0.94 
_reflns_shell.pdbx_R_split                ? 
# 
_refine.aniso_B[1][1]                            -0.01 
_refine.aniso_B[1][2]                            0.00 
_refine.aniso_B[1][3]                            0.00 
_refine.aniso_B[2][2]                            -0.01 
_refine.aniso_B[2][3]                            0.00 
_refine.aniso_B[3][3]                            0.01 
_refine.B_iso_max                                ? 
_refine.B_iso_mean                               26.843 
_refine.B_iso_min                                ? 
_refine.correlation_coeff_Fo_to_Fc               0.963 
_refine.correlation_coeff_Fo_to_Fc_free          0.949 
_refine.details                                  'HYDROGENS HAVE BEEN ADDED IN THE RIDING POSITIONS' 
_refine.diff_density_max                         ? 
_refine.diff_density_max_esd                     ? 
_refine.diff_density_min                         ? 
_refine.diff_density_min_esd                     ? 
_refine.diff_density_rms                         ? 
_refine.diff_density_rms_esd                     ? 
_refine.entry_id                                 6ATN 
_refine.pdbx_refine_id                           'X-RAY DIFFRACTION' 
_refine.ls_abs_structure_details                 ? 
_refine.ls_abs_structure_Flack                   ? 
_refine.ls_abs_structure_Flack_esd               ? 
_refine.ls_abs_structure_Rogers                  ? 
_refine.ls_abs_structure_Rogers_esd              ? 
_refine.ls_d_res_high                            1.76 
_refine.ls_d_res_low                             32.93 
_refine.ls_extinction_coef                       ? 
_refine.ls_extinction_coef_esd                   ? 
_refine.ls_extinction_expression                 ? 
_refine.ls_extinction_method                     ? 
_refine.ls_goodness_of_fit_all                   ? 
_refine.ls_goodness_of_fit_all_esd               ? 
_refine.ls_goodness_of_fit_obs                   ? 
_refine.ls_goodness_of_fit_obs_esd               ? 
_refine.ls_hydrogen_treatment                    ? 
_refine.ls_matrix_type                           ? 
_refine.ls_number_constraints                    ? 
_refine.ls_number_parameters                     ? 
_refine.ls_number_reflns_all                     ? 
_refine.ls_number_reflns_obs                     4375 
_refine.ls_number_reflns_R_free                  236 
_refine.ls_number_reflns_R_work                  ? 
_refine.ls_number_restraints                     ? 
_refine.ls_percent_reflns_obs                    89.45 
_refine.ls_percent_reflns_R_free                 5.1 
_refine.ls_R_factor_all                          ? 
_refine.ls_R_factor_obs                          0.17157 
_refine.ls_R_factor_R_free                       0.22607 
_refine.ls_R_factor_R_free_error                 ? 
_refine.ls_R_factor_R_free_error_details         ? 
_refine.ls_R_factor_R_work                       0.16866 
_refine.ls_R_Fsqd_factor_obs                     ? 
_refine.ls_R_I_factor_obs                        ? 
_refine.ls_redundancy_reflns_all                 ? 
_refine.ls_redundancy_reflns_obs                 ? 
_refine.ls_restrained_S_all                      ? 
_refine.ls_restrained_S_obs                      ? 
_refine.ls_shift_over_esd_max                    ? 
_refine.ls_shift_over_esd_mean                   ? 
_refine.ls_structure_factor_coef                 ? 
_refine.ls_weighting_details                     ? 
_refine.ls_weighting_scheme                      ? 
_refine.ls_wR_factor_all                         ? 
_refine.ls_wR_factor_obs                         ? 
_refine.ls_wR_factor_R_free                      ? 
_refine.ls_wR_factor_R_work                      ? 
_refine.occupancy_max                            ? 
_refine.occupancy_min                            ? 
_refine.solvent_model_details                    ? 
_refine.solvent_model_param_bsol                 ? 
_refine.solvent_model_param_ksol                 ? 
_refine.ls_R_factor_gt                           ? 
_refine.ls_goodness_of_fit_gt                    ? 
_refine.ls_goodness_of_fit_ref                   ? 
_refine.ls_shift_over_su_max                     ? 
_refine.ls_shift_over_su_max_lt                  ? 
_refine.ls_shift_over_su_mean                    ? 
_refine.ls_shift_over_su_mean_lt                 ? 
_refine.pdbx_ls_sigma_I                          ? 
_refine.pdbx_ls_sigma_F                          ? 
_refine.pdbx_ls_sigma_Fsqd                       ? 
_refine.pdbx_data_cutoff_high_absF               ? 
_refine.pdbx_data_cutoff_high_rms_absF           ? 
_refine.pdbx_data_cutoff_low_absF                ? 
_refine.pdbx_isotropic_thermal_model             ? 
_refine.pdbx_ls_cross_valid_method               THROUGHOUT 
_refine.pdbx_method_to_determine_struct          SAD 
_refine.pdbx_starting_model                      ? 
_refine.pdbx_stereochemistry_target_values       ? 
_refine.pdbx_R_Free_selection_details            RANDOM 
_refine.pdbx_stereochem_target_val_spec_case     ? 
_refine.pdbx_overall_ESU_R                       0.103 
_refine.pdbx_overall_ESU_R_Free                  0.115 
_refine.pdbx_solvent_vdw_probe_radii             1.20 
_refine.pdbx_solvent_ion_probe_radii             0.80 
_refine.pdbx_solvent_shrinkage_radii             0.80 
_refine.pdbx_real_space_R                        ? 
_refine.pdbx_density_correlation                 ? 
_refine.pdbx_pd_number_of_powder_patterns        ? 
_refine.pdbx_pd_number_of_points                 ? 
_refine.pdbx_pd_meas_number_of_points            ? 
_refine.pdbx_pd_proc_ls_prof_R_factor            ? 
_refine.pdbx_pd_proc_ls_prof_wR_factor           ? 
_refine.pdbx_pd_Marquardt_correlation_coeff      ? 
_refine.pdbx_pd_Fsqrd_R_factor                   ? 
_refine.pdbx_pd_ls_matrix_band_width             ? 
_refine.pdbx_overall_phase_error                 ? 
_refine.pdbx_overall_SU_R_free_Cruickshank_DPI   ? 
_refine.pdbx_overall_SU_R_free_Blow_DPI          ? 
_refine.pdbx_overall_SU_R_Blow_DPI               ? 
_refine.pdbx_TLS_residual_ADP_flag               ? 
_refine.pdbx_diffrn_id                           1 
_refine.overall_SU_B                             1.829 
_refine.overall_SU_ML                            0.059 
_refine.overall_SU_R_Cruickshank_DPI             ? 
_refine.overall_SU_R_free                        ? 
_refine.overall_FOM_free_R_set                   ? 
_refine.overall_FOM_work_R_set                   ? 
_refine.pdbx_average_fsc_overall                 ? 
_refine.pdbx_average_fsc_work                    ? 
_refine.pdbx_average_fsc_free                    ? 
# 
_refine_hist.pdbx_refine_id                   'X-RAY DIFFRACTION' 
_refine_hist.cycle_id                         1 
_refine_hist.pdbx_number_atoms_protein        283 
_refine_hist.pdbx_number_atoms_nucleic_acid   0 
_refine_hist.pdbx_number_atoms_ligand         0 
_refine_hist.number_atoms_solvent             45 
_refine_hist.number_atoms_total               328 
_refine_hist.d_res_high                       1.76 
_refine_hist.d_res_low                        32.93 
# 
loop_
_refine_ls_restr.pdbx_refine_id 
_refine_ls_restr.criterion 
_refine_ls_restr.dev_ideal 
_refine_ls_restr.dev_ideal_target 
_refine_ls_restr.number 
_refine_ls_restr.rejects 
_refine_ls_restr.type 
_refine_ls_restr.weight 
_refine_ls_restr.pdbx_restraint_function 
'X-RAY DIFFRACTION' ? 0.013  0.019  290 ? r_bond_refined_d             ? ? 
'X-RAY DIFFRACTION' ? 0.001  0.020  289 ? r_bond_other_d               ? ? 
'X-RAY DIFFRACTION' ? 1.452  2.022  386 ? r_angle_refined_deg          ? ? 
'X-RAY DIFFRACTION' ? 0.813  3.000  680 ? r_angle_other_deg            ? ? 
'X-RAY DIFFRACTION' ? 5.969  5.000  38  ? r_dihedral_angle_1_deg       ? ? 
'X-RAY DIFFRACTION' ? 47.977 24.286 7   ? r_dihedral_angle_2_deg       ? ? 
'X-RAY DIFFRACTION' ? 14.584 15.000 59  ? r_dihedral_angle_3_deg       ? ? 
'X-RAY DIFFRACTION' ? 29.280 15.000 1   ? r_dihedral_angle_4_deg       ? ? 
'X-RAY DIFFRACTION' ? 0.124  0.200  39  ? r_chiral_restr               ? ? 
'X-RAY DIFFRACTION' ? 0.013  0.021  313 ? r_gen_planes_refined         ? ? 
'X-RAY DIFFRACTION' ? 0.002  0.020  52  ? r_gen_planes_other           ? ? 
'X-RAY DIFFRACTION' ? ?      ?      ?   ? r_nbd_refined                ? ? 
'X-RAY DIFFRACTION' ? ?      ?      ?   ? r_nbd_other                  ? ? 
'X-RAY DIFFRACTION' ? ?      ?      ?   ? r_nbtor_refined              ? ? 
'X-RAY DIFFRACTION' ? ?      ?      ?   ? r_nbtor_other                ? ? 
'X-RAY DIFFRACTION' ? ?      ?      ?   ? r_xyhbond_nbd_refined        ? ? 
'X-RAY DIFFRACTION' ? ?      ?      ?   ? r_xyhbond_nbd_other          ? ? 
'X-RAY DIFFRACTION' ? ?      ?      ?   ? r_metal_ion_refined          ? ? 
'X-RAY DIFFRACTION' ? ?      ?      ?   ? r_metal_ion_other            ? ? 
'X-RAY DIFFRACTION' ? ?      ?      ?   ? r_symmetry_vdw_refined       ? ? 
'X-RAY DIFFRACTION' ? ?      ?      ?   ? r_symmetry_vdw_other         ? ? 
'X-RAY DIFFRACTION' ? ?      ?      ?   ? r_symmetry_hbond_refined     ? ? 
'X-RAY DIFFRACTION' ? ?      ?      ?   ? r_symmetry_hbond_other       ? ? 
'X-RAY DIFFRACTION' ? ?      ?      ?   ? r_symmetry_metal_ion_refined ? ? 
'X-RAY DIFFRACTION' ? ?      ?      ?   ? r_symmetry_metal_ion_other   ? ? 
'X-RAY DIFFRACTION' ? 1.957  1.394  155 ? r_mcbond_it                  ? ? 
'X-RAY DIFFRACTION' ? 1.905  1.388  154 ? r_mcbond_other               ? ? 
'X-RAY DIFFRACTION' ? 2.877  3.109  192 ? r_mcangle_it                 ? ? 
'X-RAY DIFFRACTION' ? 2.889  3.116  193 ? r_mcangle_other              ? ? 
'X-RAY DIFFRACTION' ? 4.570  1.866  135 ? r_scbond_it                  ? ? 
'X-RAY DIFFRACTION' ? 4.570  1.864  135 ? r_scbond_other               ? ? 
'X-RAY DIFFRACTION' ? ?      ?      ?   ? r_scangle_it                 ? ? 
'X-RAY DIFFRACTION' ? 7.485  3.876  194 ? r_scangle_other              ? ? 
'X-RAY DIFFRACTION' ? 8.869  27.817 315 ? r_long_range_B_refined       ? ? 
'X-RAY DIFFRACTION' ? 8.859  27.250 309 ? r_long_range_B_other         ? ? 
'X-RAY DIFFRACTION' ? ?      ?      ?   ? r_rigid_bond_restr           ? ? 
'X-RAY DIFFRACTION' ? ?      ?      ?   ? r_sphericity_free            ? ? 
'X-RAY DIFFRACTION' ? ?      ?      ?   ? r_sphericity_bonded          ? ? 
# 
_refine_ls_shell.pdbx_refine_id                   'X-RAY DIFFRACTION' 
_refine_ls_shell.d_res_high                       1.764 
_refine_ls_shell.d_res_low                        1.810 
_refine_ls_shell.number_reflns_all                ? 
_refine_ls_shell.number_reflns_obs                ? 
_refine_ls_shell.number_reflns_R_free             5 
_refine_ls_shell.number_reflns_R_work             99 
_refine_ls_shell.percent_reflns_obs               28.18 
_refine_ls_shell.percent_reflns_R_free            ? 
_refine_ls_shell.R_factor_all                     ? 
_refine_ls_shell.R_factor_obs                     ? 
_refine_ls_shell.R_factor_R_free                  0.400 
_refine_ls_shell.R_factor_R_free_error            ? 
_refine_ls_shell.R_factor_R_work                  0.264 
_refine_ls_shell.redundancy_reflns_all            ? 
_refine_ls_shell.redundancy_reflns_obs            ? 
_refine_ls_shell.wR_factor_all                    ? 
_refine_ls_shell.wR_factor_obs                    ? 
_refine_ls_shell.wR_factor_R_free                 ? 
_refine_ls_shell.wR_factor_R_work                 ? 
_refine_ls_shell.pdbx_total_number_of_bins_used   20 
_refine_ls_shell.pdbx_phase_error                 ? 
_refine_ls_shell.pdbx_fsc_work                    ? 
_refine_ls_shell.pdbx_fsc_free                    ? 
# 
_struct.entry_id                     6ATN 
_struct.title                        'Exploring Cystine Dense Peptide Space to Open a Unique Molecular Toolbox' 
_struct.pdbx_model_details           ? 
_struct.pdbx_formula_weight          ? 
_struct.pdbx_formula_weight_method   ? 
_struct.pdbx_model_type_details      ? 
_struct.pdbx_CASP_flag               N 
# 
_struct_keywords.entry_id        6ATN 
_struct_keywords.text            'Knottins, Cystine knot, Toxins, TOXIN' 
_struct_keywords.pdbx_keywords   TOXIN 
# 
loop_
_struct_asym.id 
_struct_asym.pdbx_blank_PDB_chainid_flag 
_struct_asym.pdbx_modified 
_struct_asym.entity_id 
_struct_asym.details 
A N N 1 ? 
B N N 2 ? 
# 
_struct_ref.id                         1 
_struct_ref.db_name                    UNP 
_struct_ref.db_code                    KAX45_TITCO 
_struct_ref.pdbx_db_accession          Q5G8B6 
_struct_ref.pdbx_db_isoform            ? 
_struct_ref.entity_id                  1 
_struct_ref.pdbx_seq_one_letter_code   VFINVKCRGSPECLPKCKEAIGKSAGKCMNGKCKCYP 
_struct_ref.pdbx_align_begin           23 
# 
_struct_ref_seq.align_id                      1 
_struct_ref_seq.ref_id                        1 
_struct_ref_seq.pdbx_PDB_id_code              6ATN 
_struct_ref_seq.pdbx_strand_id                A 
_struct_ref_seq.seq_align_beg                 3 
_struct_ref_seq.pdbx_seq_align_beg_ins_code   ? 
_struct_ref_seq.seq_align_end                 39 
_struct_ref_seq.pdbx_seq_align_end_ins_code   ? 
_struct_ref_seq.pdbx_db_accession             Q5G8B6 
_struct_ref_seq.db_align_beg                  23 
_struct_ref_seq.pdbx_db_align_beg_ins_code    ? 
_struct_ref_seq.db_align_end                  59 
_struct_ref_seq.pdbx_db_align_end_ins_code    ? 
_struct_ref_seq.pdbx_auth_seq_align_beg       1 
_struct_ref_seq.pdbx_auth_seq_align_end       37 
# 
loop_
_struct_ref_seq_dif.align_id 
_struct_ref_seq_dif.pdbx_pdb_id_code 
_struct_ref_seq_dif.mon_id 
_struct_ref_seq_dif.pdbx_pdb_strand_id 
_struct_ref_seq_dif.seq_num 
_struct_ref_seq_dif.pdbx_pdb_ins_code 
_struct_ref_seq_dif.pdbx_seq_db_name 
_struct_ref_seq_dif.pdbx_seq_db_accession_code 
_struct_ref_seq_dif.db_mon_id 
_struct_ref_seq_dif.pdbx_seq_db_seq_num 
_struct_ref_seq_dif.details 
_struct_ref_seq_dif.pdbx_auth_seq_num 
_struct_ref_seq_dif.pdbx_ordinal 
1 6ATN GLY A 1 ? UNP Q5G8B6 ? ? 'expression tag' -1 1 
1 6ATN SER A 2 ? UNP Q5G8B6 ? ? 'expression tag' 0  2 
# 
_pdbx_struct_assembly.id                   1 
_pdbx_struct_assembly.details              author_and_software_defined_assembly 
_pdbx_struct_assembly.method_details       PISA 
_pdbx_struct_assembly.oligomeric_details   monomeric 
_pdbx_struct_assembly.oligomeric_count     1 
# 
_pdbx_struct_assembly_gen.assembly_id       1 
_pdbx_struct_assembly_gen.oper_expression   1 
_pdbx_struct_assembly_gen.asym_id_list      A,B 
# 
_pdbx_struct_assembly_auth_evidence.id                     1 
_pdbx_struct_assembly_auth_evidence.assembly_id            1 
_pdbx_struct_assembly_auth_evidence.experimental_support   'gel filtration' 
_pdbx_struct_assembly_auth_evidence.details                ? 
# 
_pdbx_struct_oper_list.id                   1 
_pdbx_struct_oper_list.type                 'identity operation' 
_pdbx_struct_oper_list.name                 1_555 
_pdbx_struct_oper_list.symmetry_operation   x,y,z 
_pdbx_struct_oper_list.matrix[1][1]         1.0000000000 
_pdbx_struct_oper_list.matrix[1][2]         0.0000000000 
_pdbx_struct_oper_list.matrix[1][3]         0.0000000000 
_pdbx_struct_oper_list.vector[1]            0.0000000000 
_pdbx_struct_oper_list.matrix[2][1]         0.0000000000 
_pdbx_struct_oper_list.matrix[2][2]         1.0000000000 
_pdbx_struct_oper_list.matrix[2][3]         0.0000000000 
_pdbx_struct_oper_list.vector[2]            0.0000000000 
_pdbx_struct_oper_list.matrix[3][1]         0.0000000000 
_pdbx_struct_oper_list.matrix[3][2]         0.0000000000 
_pdbx_struct_oper_list.matrix[3][3]         1.0000000000 
_pdbx_struct_oper_list.vector[3]            0.0000000000 
# 
_struct_biol.id        1 
_struct_biol.details   'Monomer as determined by gel filtration.' 
# 
_struct_conf.conf_type_id            HELX_P 
_struct_conf.id                      HELX_P1 
_struct_conf.pdbx_PDB_helix_id       AA1 
_struct_conf.beg_label_comp_id       GLU 
_struct_conf.beg_label_asym_id       A 
_struct_conf.beg_label_seq_id        14 
_struct_conf.pdbx_beg_PDB_ins_code   ? 
_struct_conf.end_label_comp_id       GLY 
_struct_conf.end_label_asym_id       A 
_struct_conf.end_label_seq_id        24 
_struct_conf.pdbx_end_PDB_ins_code   ? 
_struct_conf.beg_auth_comp_id        GLU 
_struct_conf.beg_auth_asym_id        A 
_struct_conf.beg_auth_seq_id         12 
_struct_conf.end_auth_comp_id        GLY 
_struct_conf.end_auth_asym_id        A 
_struct_conf.end_auth_seq_id         22 
_struct_conf.pdbx_PDB_helix_class    1 
_struct_conf.details                 ? 
_struct_conf.pdbx_PDB_helix_length   11 
# 
_struct_conf_type.id          HELX_P 
_struct_conf_type.criteria    ? 
_struct_conf_type.reference   ? 
# 
loop_
_struct_conn.id 
_struct_conn.conn_type_id 
_struct_conn.pdbx_leaving_atom_flag 
_struct_conn.pdbx_PDB_id 
_struct_conn.ptnr1_label_asym_id 
_struct_conn.ptnr1_label_comp_id 
_struct_conn.ptnr1_label_seq_id 
_struct_conn.ptnr1_label_atom_id 
_struct_conn.pdbx_ptnr1_label_alt_id 
_struct_conn.pdbx_ptnr1_PDB_ins_code 
_struct_conn.pdbx_ptnr1_standard_comp_id 
_struct_conn.ptnr1_symmetry 
_struct_conn.ptnr2_label_asym_id 
_struct_conn.ptnr2_label_comp_id 
_struct_conn.ptnr2_label_seq_id 
_struct_conn.ptnr2_label_atom_id 
_struct_conn.pdbx_ptnr2_label_alt_id 
_struct_conn.pdbx_ptnr2_PDB_ins_code 
_struct_conn.ptnr1_auth_asym_id 
_struct_conn.ptnr1_auth_comp_id 
_struct_conn.ptnr1_auth_seq_id 
_struct_conn.ptnr2_auth_asym_id 
_struct_conn.ptnr2_auth_comp_id 
_struct_conn.ptnr2_auth_seq_id 
_struct_conn.ptnr2_symmetry 
_struct_conn.pdbx_ptnr3_label_atom_id 
_struct_conn.pdbx_ptnr3_label_seq_id 
_struct_conn.pdbx_ptnr3_label_comp_id 
_struct_conn.pdbx_ptnr3_label_asym_id 
_struct_conn.pdbx_ptnr3_label_alt_id 
_struct_conn.pdbx_ptnr3_PDB_ins_code 
_struct_conn.details 
_struct_conn.pdbx_dist_value 
_struct_conn.pdbx_value_order 
_struct_conn.pdbx_role 
disulf1 disulf ? ? A CYS 9  SG ? ? ? 1_555 A CYS 30 SG ? ? A CYS 7  A CYS 28 1_555 ? ? ? ? ? ? ? 2.042 ? ? 
disulf2 disulf ? ? A CYS 15 SG ? ? ? 1_555 A CYS 35 SG ? ? A CYS 13 A CYS 33 1_555 ? ? ? ? ? ? ? 2.048 ? ? 
disulf3 disulf ? ? A CYS 19 SG ? ? ? 1_555 A CYS 37 SG ? ? A CYS 17 A CYS 35 1_555 ? ? ? ? ? ? ? 2.053 ? ? 
# 
_struct_conn_type.id          disulf 
_struct_conn_type.criteria    ? 
_struct_conn_type.reference   ? 
# 
loop_
_pdbx_modification_feature.ordinal 
_pdbx_modification_feature.label_comp_id 
_pdbx_modification_feature.label_asym_id 
_pdbx_modification_feature.label_seq_id 
_pdbx_modification_feature.label_alt_id 
_pdbx_modification_feature.modified_residue_label_comp_id 
_pdbx_modification_feature.modified_residue_label_asym_id 
_pdbx_modification_feature.modified_residue_label_seq_id 
_pdbx_modification_feature.modified_residue_label_alt_id 
_pdbx_modification_feature.auth_comp_id 
_pdbx_modification_feature.auth_asym_id 
_pdbx_modification_feature.auth_seq_id 
_pdbx_modification_feature.PDB_ins_code 
_pdbx_modification_feature.symmetry 
_pdbx_modification_feature.modified_residue_auth_comp_id 
_pdbx_modification_feature.modified_residue_auth_asym_id 
_pdbx_modification_feature.modified_residue_auth_seq_id 
_pdbx_modification_feature.modified_residue_PDB_ins_code 
_pdbx_modification_feature.modified_residue_symmetry 
_pdbx_modification_feature.comp_id_linking_atom 
_pdbx_modification_feature.modified_residue_id_linking_atom 
_pdbx_modification_feature.modified_residue_id 
_pdbx_modification_feature.ref_pcm_id 
_pdbx_modification_feature.ref_comp_id 
_pdbx_modification_feature.type 
_pdbx_modification_feature.category 
1 CYS A 9  ? CYS A 30 ? CYS A 7  ? 1_555 CYS A 28 ? 1_555 SG SG . . . None 'Disulfide bridge' 
2 CYS A 15 ? CYS A 35 ? CYS A 13 ? 1_555 CYS A 33 ? 1_555 SG SG . . . None 'Disulfide bridge' 
3 CYS A 19 ? CYS A 37 ? CYS A 17 ? 1_555 CYS A 35 ? 1_555 SG SG . . . None 'Disulfide bridge' 
# 
_struct_sheet.id               AA1 
_struct_sheet.type             ? 
_struct_sheet.number_strands   3 
_struct_sheet.details          ? 
# 
loop_
_struct_sheet_order.sheet_id 
_struct_sheet_order.range_id_1 
_struct_sheet_order.range_id_2 
_struct_sheet_order.offset 
_struct_sheet_order.sense 
AA1 1 2 ? anti-parallel 
AA1 2 3 ? anti-parallel 
# 
loop_
_struct_sheet_range.sheet_id 
_struct_sheet_range.id 
_struct_sheet_range.beg_label_comp_id 
_struct_sheet_range.beg_label_asym_id 
_struct_sheet_range.beg_label_seq_id 
_struct_sheet_range.pdbx_beg_PDB_ins_code 
_struct_sheet_range.end_label_comp_id 
_struct_sheet_range.end_label_asym_id 
_struct_sheet_range.end_label_seq_id 
_struct_sheet_range.pdbx_end_PDB_ins_code 
_struct_sheet_range.beg_auth_comp_id 
_struct_sheet_range.beg_auth_asym_id 
_struct_sheet_range.beg_auth_seq_id 
_struct_sheet_range.end_auth_comp_id 
_struct_sheet_range.end_auth_asym_id 
_struct_sheet_range.end_auth_seq_id 
AA1 1 VAL A 3  ? LYS A 8  ? VAL A 1  LYS A 6  
AA1 2 LYS A 34 ? CYS A 37 ? LYS A 32 CYS A 35 
AA1 3 GLY A 28 ? MET A 31 ? GLY A 26 MET A 29 
# 
loop_
_pdbx_struct_sheet_hbond.sheet_id 
_pdbx_struct_sheet_hbond.range_id_1 
_pdbx_struct_sheet_hbond.range_id_2 
_pdbx_struct_sheet_hbond.range_1_label_atom_id 
_pdbx_struct_sheet_hbond.range_1_label_comp_id 
_pdbx_struct_sheet_hbond.range_1_label_asym_id 
_pdbx_struct_sheet_hbond.range_1_label_seq_id 
_pdbx_struct_sheet_hbond.range_1_PDB_ins_code 
_pdbx_struct_sheet_hbond.range_1_auth_atom_id 
_pdbx_struct_sheet_hbond.range_1_auth_comp_id 
_pdbx_struct_sheet_hbond.range_1_auth_asym_id 
_pdbx_struct_sheet_hbond.range_1_auth_seq_id 
_pdbx_struct_sheet_hbond.range_2_label_atom_id 
_pdbx_struct_sheet_hbond.range_2_label_comp_id 
_pdbx_struct_sheet_hbond.range_2_label_asym_id 
_pdbx_struct_sheet_hbond.range_2_label_seq_id 
_pdbx_struct_sheet_hbond.range_2_PDB_ins_code 
_pdbx_struct_sheet_hbond.range_2_auth_atom_id 
_pdbx_struct_sheet_hbond.range_2_auth_comp_id 
_pdbx_struct_sheet_hbond.range_2_auth_asym_id 
_pdbx_struct_sheet_hbond.range_2_auth_seq_id 
AA1 1 2 N VAL A 3  ? N VAL A 1  O CYS A 37 ? O CYS A 35 
AA1 2 3 O LYS A 36 ? O LYS A 34 N LYS A 29 ? N LYS A 27 
# 
_pdbx_entry_details.entry_id                   6ATN 
_pdbx_entry_details.compound_details           ? 
_pdbx_entry_details.source_details             ? 
_pdbx_entry_details.nonpolymer_details         ? 
_pdbx_entry_details.sequence_details           ? 
_pdbx_entry_details.has_ligand_of_interest     ? 
_pdbx_entry_details.has_protein_modification   Y 
# 
loop_
_chem_comp_atom.comp_id 
_chem_comp_atom.atom_id 
_chem_comp_atom.type_symbol 
_chem_comp_atom.pdbx_aromatic_flag 
_chem_comp_atom.pdbx_stereo_config 
_chem_comp_atom.pdbx_ordinal 
ALA N    N N N 1   
ALA CA   C N S 2   
ALA C    C N N 3   
ALA O    O N N 4   
ALA CB   C N N 5   
ALA OXT  O N N 6   
ALA H    H N N 7   
ALA H2   H N N 8   
ALA HA   H N N 9   
ALA HB1  H N N 10  
ALA HB2  H N N 11  
ALA HB3  H N N 12  
ALA HXT  H N N 13  
ARG N    N N N 14  
ARG CA   C N S 15  
ARG C    C N N 16  
ARG O    O N N 17  
ARG CB   C N N 18  
ARG CG   C N N 19  
ARG CD   C N N 20  
ARG NE   N N N 21  
ARG CZ   C N N 22  
ARG NH1  N N N 23  
ARG NH2  N N N 24  
ARG OXT  O N N 25  
ARG H    H N N 26  
ARG H2   H N N 27  
ARG HA   H N N 28  
ARG HB2  H N N 29  
ARG HB3  H N N 30  
ARG HG2  H N N 31  
ARG HG3  H N N 32  
ARG HD2  H N N 33  
ARG HD3  H N N 34  
ARG HE   H N N 35  
ARG HH11 H N N 36  
ARG HH12 H N N 37  
ARG HH21 H N N 38  
ARG HH22 H N N 39  
ARG HXT  H N N 40  
ASN N    N N N 41  
ASN CA   C N S 42  
ASN C    C N N 43  
ASN O    O N N 44  
ASN CB   C N N 45  
ASN CG   C N N 46  
ASN OD1  O N N 47  
ASN ND2  N N N 48  
ASN OXT  O N N 49  
ASN H    H N N 50  
ASN H2   H N N 51  
ASN HA   H N N 52  
ASN HB2  H N N 53  
ASN HB3  H N N 54  
ASN HD21 H N N 55  
ASN HD22 H N N 56  
ASN HXT  H N N 57  
CYS N    N N N 58  
CYS CA   C N R 59  
CYS C    C N N 60  
CYS O    O N N 61  
CYS CB   C N N 62  
CYS SG   S N N 63  
CYS OXT  O N N 64  
CYS H    H N N 65  
CYS H2   H N N 66  
CYS HA   H N N 67  
CYS HB2  H N N 68  
CYS HB3  H N N 69  
CYS HG   H N N 70  
CYS HXT  H N N 71  
GLU N    N N N 72  
GLU CA   C N S 73  
GLU C    C N N 74  
GLU O    O N N 75  
GLU CB   C N N 76  
GLU CG   C N N 77  
GLU CD   C N N 78  
GLU OE1  O N N 79  
GLU OE2  O N N 80  
GLU OXT  O N N 81  
GLU H    H N N 82  
GLU H2   H N N 83  
GLU HA   H N N 84  
GLU HB2  H N N 85  
GLU HB3  H N N 86  
GLU HG2  H N N 87  
GLU HG3  H N N 88  
GLU HE2  H N N 89  
GLU HXT  H N N 90  
GLY N    N N N 91  
GLY CA   C N N 92  
GLY C    C N N 93  
GLY O    O N N 94  
GLY OXT  O N N 95  
GLY H    H N N 96  
GLY H2   H N N 97  
GLY HA2  H N N 98  
GLY HA3  H N N 99  
GLY HXT  H N N 100 
HOH O    O N N 101 
HOH H1   H N N 102 
HOH H2   H N N 103 
ILE N    N N N 104 
ILE CA   C N S 105 
ILE C    C N N 106 
ILE O    O N N 107 
ILE CB   C N S 108 
ILE CG1  C N N 109 
ILE CG2  C N N 110 
ILE CD1  C N N 111 
ILE OXT  O N N 112 
ILE H    H N N 113 
ILE H2   H N N 114 
ILE HA   H N N 115 
ILE HB   H N N 116 
ILE HG12 H N N 117 
ILE HG13 H N N 118 
ILE HG21 H N N 119 
ILE HG22 H N N 120 
ILE HG23 H N N 121 
ILE HD11 H N N 122 
ILE HD12 H N N 123 
ILE HD13 H N N 124 
ILE HXT  H N N 125 
LEU N    N N N 126 
LEU CA   C N S 127 
LEU C    C N N 128 
LEU O    O N N 129 
LEU CB   C N N 130 
LEU CG   C N N 131 
LEU CD1  C N N 132 
LEU CD2  C N N 133 
LEU OXT  O N N 134 
LEU H    H N N 135 
LEU H2   H N N 136 
LEU HA   H N N 137 
LEU HB2  H N N 138 
LEU HB3  H N N 139 
LEU HG   H N N 140 
LEU HD11 H N N 141 
LEU HD12 H N N 142 
LEU HD13 H N N 143 
LEU HD21 H N N 144 
LEU HD22 H N N 145 
LEU HD23 H N N 146 
LEU HXT  H N N 147 
LYS N    N N N 148 
LYS CA   C N S 149 
LYS C    C N N 150 
LYS O    O N N 151 
LYS CB   C N N 152 
LYS CG   C N N 153 
LYS CD   C N N 154 
LYS CE   C N N 155 
LYS NZ   N N N 156 
LYS OXT  O N N 157 
LYS H    H N N 158 
LYS H2   H N N 159 
LYS HA   H N N 160 
LYS HB2  H N N 161 
LYS HB3  H N N 162 
LYS HG2  H N N 163 
LYS HG3  H N N 164 
LYS HD2  H N N 165 
LYS HD3  H N N 166 
LYS HE2  H N N 167 
LYS HE3  H N N 168 
LYS HZ1  H N N 169 
LYS HZ2  H N N 170 
LYS HZ3  H N N 171 
LYS HXT  H N N 172 
MET N    N N N 173 
MET CA   C N S 174 
MET C    C N N 175 
MET O    O N N 176 
MET CB   C N N 177 
MET CG   C N N 178 
MET SD   S N N 179 
MET CE   C N N 180 
MET OXT  O N N 181 
MET H    H N N 182 
MET H2   H N N 183 
MET HA   H N N 184 
MET HB2  H N N 185 
MET HB3  H N N 186 
MET HG2  H N N 187 
MET HG3  H N N 188 
MET HE1  H N N 189 
MET HE2  H N N 190 
MET HE3  H N N 191 
MET HXT  H N N 192 
PHE N    N N N 193 
PHE CA   C N S 194 
PHE C    C N N 195 
PHE O    O N N 196 
PHE CB   C N N 197 
PHE CG   C Y N 198 
PHE CD1  C Y N 199 
PHE CD2  C Y N 200 
PHE CE1  C Y N 201 
PHE CE2  C Y N 202 
PHE CZ   C Y N 203 
PHE OXT  O N N 204 
PHE H    H N N 205 
PHE H2   H N N 206 
PHE HA   H N N 207 
PHE HB2  H N N 208 
PHE HB3  H N N 209 
PHE HD1  H N N 210 
PHE HD2  H N N 211 
PHE HE1  H N N 212 
PHE HE2  H N N 213 
PHE HZ   H N N 214 
PHE HXT  H N N 215 
PRO N    N N N 216 
PRO CA   C N S 217 
PRO C    C N N 218 
PRO O    O N N 219 
PRO CB   C N N 220 
PRO CG   C N N 221 
PRO CD   C N N 222 
PRO OXT  O N N 223 
PRO H    H N N 224 
PRO HA   H N N 225 
PRO HB2  H N N 226 
PRO HB3  H N N 227 
PRO HG2  H N N 228 
PRO HG3  H N N 229 
PRO HD2  H N N 230 
PRO HD3  H N N 231 
PRO HXT  H N N 232 
SER N    N N N 233 
SER CA   C N S 234 
SER C    C N N 235 
SER O    O N N 236 
SER CB   C N N 237 
SER OG   O N N 238 
SER OXT  O N N 239 
SER H    H N N 240 
SER H2   H N N 241 
SER HA   H N N 242 
SER HB2  H N N 243 
SER HB3  H N N 244 
SER HG   H N N 245 
SER HXT  H N N 246 
TYR N    N N N 247 
TYR CA   C N S 248 
TYR C    C N N 249 
TYR O    O N N 250 
TYR CB   C N N 251 
TYR CG   C Y N 252 
TYR CD1  C Y N 253 
TYR CD2  C Y N 254 
TYR CE1  C Y N 255 
TYR CE2  C Y N 256 
TYR CZ   C Y N 257 
TYR OH   O N N 258 
TYR OXT  O N N 259 
TYR H    H N N 260 
TYR H2   H N N 261 
TYR HA   H N N 262 
TYR HB2  H N N 263 
TYR HB3  H N N 264 
TYR HD1  H N N 265 
TYR HD2  H N N 266 
TYR HE1  H N N 267 
TYR HE2  H N N 268 
TYR HH   H N N 269 
TYR HXT  H N N 270 
VAL N    N N N 271 
VAL CA   C N S 272 
VAL C    C N N 273 
VAL O    O N N 274 
VAL CB   C N N 275 
VAL CG1  C N N 276 
VAL CG2  C N N 277 
VAL OXT  O N N 278 
VAL H    H N N 279 
VAL H2   H N N 280 
VAL HA   H N N 281 
VAL HB   H N N 282 
VAL HG11 H N N 283 
VAL HG12 H N N 284 
VAL HG13 H N N 285 
VAL HG21 H N N 286 
VAL HG22 H N N 287 
VAL HG23 H N N 288 
VAL HXT  H N N 289 
# 
loop_
_chem_comp_bond.comp_id 
_chem_comp_bond.atom_id_1 
_chem_comp_bond.atom_id_2 
_chem_comp_bond.value_order 
_chem_comp_bond.pdbx_aromatic_flag 
_chem_comp_bond.pdbx_stereo_config 
_chem_comp_bond.pdbx_ordinal 
ALA N   CA   sing N N 1   
ALA N   H    sing N N 2   
ALA N   H2   sing N N 3   
ALA CA  C    sing N N 4   
ALA CA  CB   sing N N 5   
ALA CA  HA   sing N N 6   
ALA C   O    doub N N 7   
ALA C   OXT  sing N N 8   
ALA CB  HB1  sing N N 9   
ALA CB  HB2  sing N N 10  
ALA CB  HB3  sing N N 11  
ALA OXT HXT  sing N N 12  
ARG N   CA   sing N N 13  
ARG N   H    sing N N 14  
ARG N   H2   sing N N 15  
ARG CA  C    sing N N 16  
ARG CA  CB   sing N N 17  
ARG CA  HA   sing N N 18  
ARG C   O    doub N N 19  
ARG C   OXT  sing N N 20  
ARG CB  CG   sing N N 21  
ARG CB  HB2  sing N N 22  
ARG CB  HB3  sing N N 23  
ARG CG  CD   sing N N 24  
ARG CG  HG2  sing N N 25  
ARG CG  HG3  sing N N 26  
ARG CD  NE   sing N N 27  
ARG CD  HD2  sing N N 28  
ARG CD  HD3  sing N N 29  
ARG NE  CZ   sing N N 30  
ARG NE  HE   sing N N 31  
ARG CZ  NH1  sing N N 32  
ARG CZ  NH2  doub N N 33  
ARG NH1 HH11 sing N N 34  
ARG NH1 HH12 sing N N 35  
ARG NH2 HH21 sing N N 36  
ARG NH2 HH22 sing N N 37  
ARG OXT HXT  sing N N 38  
ASN N   CA   sing N N 39  
ASN N   H    sing N N 40  
ASN N   H2   sing N N 41  
ASN CA  C    sing N N 42  
ASN CA  CB   sing N N 43  
ASN CA  HA   sing N N 44  
ASN C   O    doub N N 45  
ASN C   OXT  sing N N 46  
ASN CB  CG   sing N N 47  
ASN CB  HB2  sing N N 48  
ASN CB  HB3  sing N N 49  
ASN CG  OD1  doub N N 50  
ASN CG  ND2  sing N N 51  
ASN ND2 HD21 sing N N 52  
ASN ND2 HD22 sing N N 53  
ASN OXT HXT  sing N N 54  
CYS N   CA   sing N N 55  
CYS N   H    sing N N 56  
CYS N   H2   sing N N 57  
CYS CA  C    sing N N 58  
CYS CA  CB   sing N N 59  
CYS CA  HA   sing N N 60  
CYS C   O    doub N N 61  
CYS C   OXT  sing N N 62  
CYS CB  SG   sing N N 63  
CYS CB  HB2  sing N N 64  
CYS CB  HB3  sing N N 65  
CYS SG  HG   sing N N 66  
CYS OXT HXT  sing N N 67  
GLU N   CA   sing N N 68  
GLU N   H    sing N N 69  
GLU N   H2   sing N N 70  
GLU CA  C    sing N N 71  
GLU CA  CB   sing N N 72  
GLU CA  HA   sing N N 73  
GLU C   O    doub N N 74  
GLU C   OXT  sing N N 75  
GLU CB  CG   sing N N 76  
GLU CB  HB2  sing N N 77  
GLU CB  HB3  sing N N 78  
GLU CG  CD   sing N N 79  
GLU CG  HG2  sing N N 80  
GLU CG  HG3  sing N N 81  
GLU CD  OE1  doub N N 82  
GLU CD  OE2  sing N N 83  
GLU OE2 HE2  sing N N 84  
GLU OXT HXT  sing N N 85  
GLY N   CA   sing N N 86  
GLY N   H    sing N N 87  
GLY N   H2   sing N N 88  
GLY CA  C    sing N N 89  
GLY CA  HA2  sing N N 90  
GLY CA  HA3  sing N N 91  
GLY C   O    doub N N 92  
GLY C   OXT  sing N N 93  
GLY OXT HXT  sing N N 94  
HOH O   H1   sing N N 95  
HOH O   H2   sing N N 96  
ILE N   CA   sing N N 97  
ILE N   H    sing N N 98  
ILE N   H2   sing N N 99  
ILE CA  C    sing N N 100 
ILE CA  CB   sing N N 101 
ILE CA  HA   sing N N 102 
ILE C   O    doub N N 103 
ILE C   OXT  sing N N 104 
ILE CB  CG1  sing N N 105 
ILE CB  CG2  sing N N 106 
ILE CB  HB   sing N N 107 
ILE CG1 CD1  sing N N 108 
ILE CG1 HG12 sing N N 109 
ILE CG1 HG13 sing N N 110 
ILE CG2 HG21 sing N N 111 
ILE CG2 HG22 sing N N 112 
ILE CG2 HG23 sing N N 113 
ILE CD1 HD11 sing N N 114 
ILE CD1 HD12 sing N N 115 
ILE CD1 HD13 sing N N 116 
ILE OXT HXT  sing N N 117 
LEU N   CA   sing N N 118 
LEU N   H    sing N N 119 
LEU N   H2   sing N N 120 
LEU CA  C    sing N N 121 
LEU CA  CB   sing N N 122 
LEU CA  HA   sing N N 123 
LEU C   O    doub N N 124 
LEU C   OXT  sing N N 125 
LEU CB  CG   sing N N 126 
LEU CB  HB2  sing N N 127 
LEU CB  HB3  sing N N 128 
LEU CG  CD1  sing N N 129 
LEU CG  CD2  sing N N 130 
LEU CG  HG   sing N N 131 
LEU CD1 HD11 sing N N 132 
LEU CD1 HD12 sing N N 133 
LEU CD1 HD13 sing N N 134 
LEU CD2 HD21 sing N N 135 
LEU CD2 HD22 sing N N 136 
LEU CD2 HD23 sing N N 137 
LEU OXT HXT  sing N N 138 
LYS N   CA   sing N N 139 
LYS N   H    sing N N 140 
LYS N   H2   sing N N 141 
LYS CA  C    sing N N 142 
LYS CA  CB   sing N N 143 
LYS CA  HA   sing N N 144 
LYS C   O    doub N N 145 
LYS C   OXT  sing N N 146 
LYS CB  CG   sing N N 147 
LYS CB  HB2  sing N N 148 
LYS CB  HB3  sing N N 149 
LYS CG  CD   sing N N 150 
LYS CG  HG2  sing N N 151 
LYS CG  HG3  sing N N 152 
LYS CD  CE   sing N N 153 
LYS CD  HD2  sing N N 154 
LYS CD  HD3  sing N N 155 
LYS CE  NZ   sing N N 156 
LYS CE  HE2  sing N N 157 
LYS CE  HE3  sing N N 158 
LYS NZ  HZ1  sing N N 159 
LYS NZ  HZ2  sing N N 160 
LYS NZ  HZ3  sing N N 161 
LYS OXT HXT  sing N N 162 
MET N   CA   sing N N 163 
MET N   H    sing N N 164 
MET N   H2   sing N N 165 
MET CA  C    sing N N 166 
MET CA  CB   sing N N 167 
MET CA  HA   sing N N 168 
MET C   O    doub N N 169 
MET C   OXT  sing N N 170 
MET CB  CG   sing N N 171 
MET CB  HB2  sing N N 172 
MET CB  HB3  sing N N 173 
MET CG  SD   sing N N 174 
MET CG  HG2  sing N N 175 
MET CG  HG3  sing N N 176 
MET SD  CE   sing N N 177 
MET CE  HE1  sing N N 178 
MET CE  HE2  sing N N 179 
MET CE  HE3  sing N N 180 
MET OXT HXT  sing N N 181 
PHE N   CA   sing N N 182 
PHE N   H    sing N N 183 
PHE N   H2   sing N N 184 
PHE CA  C    sing N N 185 
PHE CA  CB   sing N N 186 
PHE CA  HA   sing N N 187 
PHE C   O    doub N N 188 
PHE C   OXT  sing N N 189 
PHE CB  CG   sing N N 190 
PHE CB  HB2  sing N N 191 
PHE CB  HB3  sing N N 192 
PHE CG  CD1  doub Y N 193 
PHE CG  CD2  sing Y N 194 
PHE CD1 CE1  sing Y N 195 
PHE CD1 HD1  sing N N 196 
PHE CD2 CE2  doub Y N 197 
PHE CD2 HD2  sing N N 198 
PHE CE1 CZ   doub Y N 199 
PHE CE1 HE1  sing N N 200 
PHE CE2 CZ   sing Y N 201 
PHE CE2 HE2  sing N N 202 
PHE CZ  HZ   sing N N 203 
PHE OXT HXT  sing N N 204 
PRO N   CA   sing N N 205 
PRO N   CD   sing N N 206 
PRO N   H    sing N N 207 
PRO CA  C    sing N N 208 
PRO CA  CB   sing N N 209 
PRO CA  HA   sing N N 210 
PRO C   O    doub N N 211 
PRO C   OXT  sing N N 212 
PRO CB  CG   sing N N 213 
PRO CB  HB2  sing N N 214 
PRO CB  HB3  sing N N 215 
PRO CG  CD   sing N N 216 
PRO CG  HG2  sing N N 217 
PRO CG  HG3  sing N N 218 
PRO CD  HD2  sing N N 219 
PRO CD  HD3  sing N N 220 
PRO OXT HXT  sing N N 221 
SER N   CA   sing N N 222 
SER N   H    sing N N 223 
SER N   H2   sing N N 224 
SER CA  C    sing N N 225 
SER CA  CB   sing N N 226 
SER CA  HA   sing N N 227 
SER C   O    doub N N 228 
SER C   OXT  sing N N 229 
SER CB  OG   sing N N 230 
SER CB  HB2  sing N N 231 
SER CB  HB3  sing N N 232 
SER OG  HG   sing N N 233 
SER OXT HXT  sing N N 234 
TYR N   CA   sing N N 235 
TYR N   H    sing N N 236 
TYR N   H2   sing N N 237 
TYR CA  C    sing N N 238 
TYR CA  CB   sing N N 239 
TYR CA  HA   sing N N 240 
TYR C   O    doub N N 241 
TYR C   OXT  sing N N 242 
TYR CB  CG   sing N N 243 
TYR CB  HB2  sing N N 244 
TYR CB  HB3  sing N N 245 
TYR CG  CD1  doub Y N 246 
TYR CG  CD2  sing Y N 247 
TYR CD1 CE1  sing Y N 248 
TYR CD1 HD1  sing N N 249 
TYR CD2 CE2  doub Y N 250 
TYR CD2 HD2  sing N N 251 
TYR CE1 CZ   doub Y N 252 
TYR CE1 HE1  sing N N 253 
TYR CE2 CZ   sing Y N 254 
TYR CE2 HE2  sing N N 255 
TYR CZ  OH   sing N N 256 
TYR OH  HH   sing N N 257 
TYR OXT HXT  sing N N 258 
VAL N   CA   sing N N 259 
VAL N   H    sing N N 260 
VAL N   H2   sing N N 261 
VAL CA  C    sing N N 262 
VAL CA  CB   sing N N 263 
VAL CA  HA   sing N N 264 
VAL C   O    doub N N 265 
VAL C   OXT  sing N N 266 
VAL CB  CG1  sing N N 267 
VAL CB  CG2  sing N N 268 
VAL CB  HB   sing N N 269 
VAL CG1 HG11 sing N N 270 
VAL CG1 HG12 sing N N 271 
VAL CG1 HG13 sing N N 272 
VAL CG2 HG21 sing N N 273 
VAL CG2 HG22 sing N N 274 
VAL CG2 HG23 sing N N 275 
VAL OXT HXT  sing N N 276 
# 
_atom_sites.entry_id                    6ATN 
_atom_sites.fract_transf_matrix[1][1]   0.00083203 
_atom_sites.fract_transf_matrix[1][2]   0.01235086 
_atom_sites.fract_transf_matrix[1][3]   -0.01754699 
_atom_sites.fract_transf_matrix[2][1]   0.01726315 
_atom_sites.fract_transf_matrix[2][2]   0.01004430 
_atom_sites.fract_transf_matrix[2][3]   0.00788849 
_atom_sites.fract_transf_matrix[3][1]   0.01338613 
_atom_sites.fract_transf_matrix[3][2]   -0.01513733 
_atom_sites.fract_transf_matrix[3][3]   -0.01002003 
_atom_sites.fract_transf_vector[1]      1.007058 
_atom_sites.fract_transf_vector[2]      -0.670997 
_atom_sites.fract_transf_vector[3]      0.100735 
# 
loop_
_atom_type.symbol 
C 
N 
O 
S 
# 
loop_
_atom_site.group_PDB 
_atom_site.id 
_atom_site.type_symbol 
_atom_site.label_atom_id 
_atom_site.label_alt_id 
_atom_site.label_comp_id 
_atom_site.label_asym_id 
_atom_site.label_entity_id 
_atom_site.label_seq_id 
_atom_site.pdbx_PDB_ins_code 
_atom_site.Cartn_x 
_atom_site.Cartn_y 
_atom_site.Cartn_z 
_atom_site.occupancy 
_atom_site.B_iso_or_equiv 
_atom_site.pdbx_formal_charge 
_atom_site.auth_seq_id 
_atom_site.auth_comp_id 
_atom_site.auth_asym_id 
_atom_site.auth_atom_id 
_atom_site.pdbx_PDB_model_num 
ATOM   1   N N   . GLY A 1 1  ? 10.212  8.793   1.790   1.00 36.03 ? -1  GLY A N   1 
ATOM   2   C CA  . GLY A 1 1  ? 9.199   8.528   0.755   1.00 32.71 ? -1  GLY A CA  1 
ATOM   3   C C   . GLY A 1 1  ? 8.654   7.111   0.902   1.00 27.31 ? -1  GLY A C   1 
ATOM   4   O O   . GLY A 1 1  ? 9.325   6.219   1.428   1.00 30.28 ? -1  GLY A O   1 
ATOM   5   N N   . SER A 1 2  ? 7.429   6.925   0.452   1.00 22.34 ? 0   SER A N   1 
ATOM   6   C CA  . SER A 1 2  ? 6.790   5.611   0.480   1.00 20.76 ? 0   SER A CA  1 
ATOM   7   C C   . SER A 1 2  ? 7.330   4.721   -0.619  1.00 19.03 ? 0   SER A C   1 
ATOM   8   O O   . SER A 1 2  ? 7.982   5.194   -1.538  1.00 20.51 ? 0   SER A O   1 
ATOM   9   C CB  . SER A 1 2  ? 5.294   5.769   0.307   1.00 21.72 ? 0   SER A CB  1 
ATOM   10  O OG  . SER A 1 2  ? 4.964   6.314   -0.955  1.00 21.02 ? 0   SER A OG  1 
ATOM   11  N N   . VAL A 1 3  ? 7.164   3.421   -0.428  1.00 17.15 ? 1   VAL A N   1 
ATOM   12  C CA  . VAL A 1 3  ? 7.398   2.439   -1.487  1.00 18.00 ? 1   VAL A CA  1 
ATOM   13  C C   . VAL A 1 3  ? 6.120   2.361   -2.335  1.00 17.17 ? 1   VAL A C   1 
ATOM   14  O O   . VAL A 1 3  ? 5.011   2.072   -1.813  1.00 16.77 ? 1   VAL A O   1 
ATOM   15  C CB  . VAL A 1 3  ? 7.719   1.063   -0.871  1.00 17.69 ? 1   VAL A CB  1 
ATOM   16  C CG1 . VAL A 1 3  ? 7.920   0.008   -1.938  1.00 18.44 ? 1   VAL A CG1 1 
ATOM   17  C CG2 . VAL A 1 3  ? 8.954   1.152   0.011   1.00 19.37 ? 1   VAL A CG2 1 
ATOM   18  N N   . PHE A 1 4  ? 6.245   2.646   -3.611  1.00 16.02 ? 2   PHE A N   1 
ATOM   19  C CA  . PHE A 1 4  ? 5.106   2.567   -4.515  1.00 16.10 ? 2   PHE A CA  1 
ATOM   20  C C   . PHE A 1 4  ? 4.952   1.113   -4.929  1.00 18.16 ? 2   PHE A C   1 
ATOM   21  O O   . PHE A 1 4  ? 5.953   0.454   -5.308  1.00 16.94 ? 2   PHE A O   1 
ATOM   22  C CB  . PHE A 1 4  ? 5.359   3.420   -5.750  1.00 17.29 ? 2   PHE A CB  1 
ATOM   23  C CG  . PHE A 1 4  ? 5.227   4.922   -5.527  1.00 16.38 ? 2   PHE A CG  1 
ATOM   24  C CD1 . PHE A 1 4  ? 5.640   5.517   -4.354  1.00 18.43 ? 2   PHE A CD1 1 
ATOM   25  C CD2 . PHE A 1 4  ? 4.755   5.724   -6.537  1.00 19.24 ? 2   PHE A CD2 1 
ATOM   26  C CE1 . PHE A 1 4  ? 5.565   6.893   -4.176  1.00 21.58 ? 2   PHE A CE1 1 
ATOM   27  C CE2 . PHE A 1 4  ? 4.622   7.097   -6.338  1.00 19.96 ? 2   PHE A CE2 1 
ATOM   28  C CZ  . PHE A 1 4  ? 4.979   7.662   -5.147  1.00 21.00 ? 2   PHE A CZ  1 
ATOM   29  N N   . ILE A 1 5  ? 3.734   0.595   -4.876  1.00 16.70 ? 3   ILE A N   1 
ATOM   30  C CA  . ILE A 1 5  ? 3.462   -0.682  -5.498  1.00 18.40 ? 3   ILE A CA  1 
ATOM   31  C C   . ILE A 1 5  ? 2.360   -0.565  -6.561  1.00 19.40 ? 3   ILE A C   1 
ATOM   32  O O   . ILE A 1 5  ? 1.531   0.353   -6.562  1.00 17.83 ? 3   ILE A O   1 
ATOM   33  C CB  . ILE A 1 5  ? 3.138   -1.794  -4.476  1.00 18.03 ? 3   ILE A CB  1 
ATOM   34  C CG1 . ILE A 1 5  ? 1.775   -1.558  -3.786  1.00 17.02 ? 3   ILE A CG1 1 
ATOM   35  C CG2 . ILE A 1 5  ? 4.242   -1.888  -3.430  1.00 19.12 ? 3   ILE A CG2 1 
ATOM   36  C CD1 . ILE A 1 5  ? 1.329   -2.696  -2.887  1.00 19.84 ? 3   ILE A CD1 1 
ATOM   37  N N   . ASN A 1 6  ? 2.390   -1.480  -7.495  1.00 20.46 ? 4   ASN A N   1 
ATOM   38  C CA  . ASN A 1 6  ? 1.501   -1.403  -8.626  1.00 23.59 ? 4   ASN A CA  1 
ATOM   39  C C   . ASN A 1 6  ? 0.212   -2.193  -8.342  1.00 23.67 ? 4   ASN A C   1 
ATOM   40  O O   . ASN A 1 6  ? -0.014  -3.266  -8.918  1.00 23.64 ? 4   ASN A O   1 
ATOM   41  C CB  . ASN A 1 6  ? 2.205   -1.937  -9.869  1.00 27.16 ? 4   ASN A CB  1 
ATOM   42  C CG  . ASN A 1 6  ? 1.397   -1.726  -11.105 1.00 31.96 ? 4   ASN A CG  1 
ATOM   43  O OD1 . ASN A 1 6  ? 0.508   -0.870  -11.139 1.00 32.60 ? 4   ASN A OD1 1 
ATOM   44  N ND2 . ASN A 1 6  ? 1.617   -2.572  -12.099 1.00 35.07 ? 4   ASN A ND2 1 
ATOM   45  N N   . VAL A 1 7  ? -0.544  -1.719  -7.363  1.00 20.52 ? 5   VAL A N   1 
ATOM   46  C CA  . VAL A 1 7  ? -1.762  -2.353  -6.913  1.00 20.64 ? 5   VAL A CA  1 
ATOM   47  C C   . VAL A 1 7  ? -2.781  -1.244  -6.781  1.00 20.21 ? 5   VAL A C   1 
ATOM   48  O O   . VAL A 1 7  ? -2.591  -0.306  -6.030  1.00 17.57 ? 5   VAL A O   1 
ATOM   49  C CB  . VAL A 1 7  ? -1.605  -3.045  -5.535  1.00 21.42 ? 5   VAL A CB  1 
ATOM   50  C CG1 . VAL A 1 7  ? -2.940  -3.570  -5.066  1.00 22.66 ? 5   VAL A CG1 1 
ATOM   51  C CG2 . VAL A 1 7  ? -0.570  -4.172  -5.588  1.00 23.91 ? 5   VAL A CG2 1 
ATOM   52  N N   . LYS A 1 8  ? -3.873  -1.340  -7.524  1.00 19.91 ? 6   LYS A N   1 
ATOM   53  C CA  . LYS A 1 8  ? -4.868  -0.290  -7.475  1.00 21.33 ? 6   LYS A CA  1 
ATOM   54  C C   . LYS A 1 8  ? -5.726  -0.434  -6.247  1.00 19.52 ? 6   LYS A C   1 
ATOM   55  O O   . LYS A 1 8  ? -5.983  -1.555  -5.792  1.00 20.38 ? 6   LYS A O   1 
ATOM   56  C CB  . LYS A 1 8  ? -5.738  -0.318  -8.725  1.00 23.62 ? 6   LYS A CB  1 
ATOM   57  C CG  . LYS A 1 8  ? -5.006  0.253   -9.915  1.00 27.88 ? 6   LYS A CG  1 
ATOM   58  C CD  . LYS A 1 8  ? -5.830  0.255   -11.192 1.00 33.02 ? 6   LYS A CD  1 
ATOM   59  C CE  . LYS A 1 8  ? -4.995  0.869   -12.327 1.00 37.20 ? 6   LYS A CE  1 
ATOM   60  N NZ  . LYS A 1 8  ? -5.627  0.749   -13.678 1.00 38.98 ? 6   LYS A NZ  1 
ATOM   61  N N   . CYS A 1 9  ? -6.301  0.683   -5.820  1.00 16.50 ? 7   CYS A N   1 
ATOM   62  C CA  . CYS A 1 9  ? -7.067  0.735   -4.593  1.00 15.90 ? 7   CYS A CA  1 
ATOM   63  C C   . CYS A 1 9  ? -8.089  1.847   -4.661  1.00 17.13 ? 7   CYS A C   1 
ATOM   64  O O   . CYS A 1 9  ? -7.906  2.841   -5.376  1.00 16.52 ? 7   CYS A O   1 
ATOM   65  C CB  . CYS A 1 9  ? -6.127  0.972   -3.378  1.00 17.15 ? 7   CYS A CB  1 
ATOM   66  S SG  . CYS A 1 9  ? -4.988  2.370   -3.579  1.00 17.93 ? 7   CYS A SG  1 
ATOM   67  N N   . ARG A 1 10 ? -9.148  1.709   -3.876  1.00 18.45 ? 8   ARG A N   1 
ATOM   68  C CA  . ARG A 1 10 ? -10.113 2.799   -3.711  1.00 19.09 ? 8   ARG A CA  1 
ATOM   69  C C   . ARG A 1 10 ? -10.184 3.326   -2.314  1.00 20.94 ? 8   ARG A C   1 
ATOM   70  O O   . ARG A 1 10 ? -10.916 4.255   -2.061  1.00 23.66 ? 8   ARG A O   1 
ATOM   71  C CB  . ARG A 1 10 ? -11.487 2.361   -4.208  1.00 26.73 ? 8   ARG A CB  1 
ATOM   72  C CG  . ARG A 1 10 ? -12.149 1.298   -3.376  1.00 31.14 ? 8   ARG A CG  1 
ATOM   73  C CD  . ARG A 1 10 ? -13.594 1.073   -3.851  1.00 40.38 ? 8   ARG A CD  1 
ATOM   74  N NE  . ARG A 1 10 ? -13.616 0.149   -4.972  1.00 51.15 ? 8   ARG A NE  1 
ATOM   75  C CZ  . ARG A 1 10 ? -14.244 -1.029  -4.986  1.00 66.18 ? 8   ARG A CZ  1 
ATOM   76  N NH1 . ARG A 1 10 ? -14.155 -1.814  -6.066  1.00 67.49 ? 8   ARG A NH1 1 
ATOM   77  N NH2 . ARG A 1 10 ? -14.986 -1.421  -3.948  1.00 70.95 ? 8   ARG A NH2 1 
ATOM   78  N N   . GLY A 1 11 ? -9.443  2.712   -1.381  1.00 19.97 ? 9   GLY A N   1 
ATOM   79  C CA  . GLY A 1 11 ? -9.292  3.247   -0.054  1.00 19.91 ? 9   GLY A CA  1 
ATOM   80  C C   . GLY A 1 11 ? -8.034  2.703   0.613   1.00 18.29 ? 9   GLY A C   1 
ATOM   81  O O   . GLY A 1 11 ? -7.399  1.816   0.086   1.00 17.17 ? 9   GLY A O   1 
ATOM   82  N N   . SER A 1 12 ? -7.706  3.225   1.775   1.00 15.31 ? 10  SER A N   1 
ATOM   83  C CA  . SER A 1 12 ? -6.442  2.846   2.427   1.00 17.10 ? 10  SER A CA  1 
ATOM   84  C C   . SER A 1 12 ? -6.414  1.471   3.134   1.00 18.11 ? 10  SER A C   1 
ATOM   85  O O   . SER A 1 12 ? -5.431  0.765   3.073   1.00 17.14 ? 10  SER A O   1 
ATOM   86  C CB  . SER A 1 12 ? -5.972  3.966   3.328   1.00 17.20 ? 10  SER A CB  1 
ATOM   87  O OG  . SER A 1 12 ? -5.532  5.088   2.554   1.00 17.87 ? 10  SER A OG  1 
ATOM   88  N N   . PRO A 1 13 ? -7.522  1.065   3.803   1.00 22.15 ? 11  PRO A N   1 
ATOM   89  C CA  . PRO A 1 13 ? -7.463  -0.225  4.528   1.00 21.54 ? 11  PRO A CA  1 
ATOM   90  C C   . PRO A 1 13 ? -7.097  -1.409  3.668   1.00 19.80 ? 11  PRO A C   1 
ATOM   91  O O   . PRO A 1 13 ? -6.322  -2.275  4.086   1.00 20.93 ? 11  PRO A O   1 
ATOM   92  C CB  . PRO A 1 13 ? -8.907  -0.370  5.093   1.00 24.93 ? 11  PRO A CB  1 
ATOM   93  C CG  . PRO A 1 13 ? -9.322  1.030   5.295   1.00 26.01 ? 11  PRO A CG  1 
ATOM   94  C CD  . PRO A 1 13 ? -8.738  1.821   4.132   1.00 24.01 ? 11  PRO A CD  1 
ATOM   95  N N   . GLU A 1 14 ? -7.610  -1.453  2.445   1.00 18.68 ? 12  GLU A N   1 
ATOM   96  C CA  . GLU A 1 14 ? -7.275  -2.545  1.559   1.00 18.54 ? 12  GLU A CA  1 
ATOM   97  C C   . GLU A 1 14 ? -5.779  -2.647  1.246   1.00 18.24 ? 12  GLU A C   1 
ATOM   98  O O   . GLU A 1 14 ? -5.292  -3.731  0.837   1.00 19.21 ? 12  GLU A O   1 
ATOM   99  C CB  . GLU A 1 14 ? -8.072  -2.448  0.264   1.00 19.34 ? 12  GLU A CB  1 
ATOM   100 C CG  . GLU A 1 14 ? -7.630  -1.346  -0.671  1.00 19.42 ? 12  GLU A CG  1 
ATOM   101 C CD  . GLU A 1 14 ? -8.610  -1.143  -1.847  1.00 22.89 ? 12  GLU A CD  1 
ATOM   102 O OE1 . GLU A 1 14 ? -9.560  -0.401  -1.672  1.00 24.61 ? 12  GLU A OE1 1 
ATOM   103 O OE2 . GLU A 1 14 ? -8.480  -1.838  -2.867  1.00 28.18 ? 12  GLU A OE2 1 
ATOM   104 N N   . CYS A 1 15 ? -5.065  -1.519  1.335   1.00 17.49 ? 13  CYS A N   1 
ATOM   105 C CA  . CYS A 1 15 ? -3.640  -1.535  1.085   1.00 18.04 ? 13  CYS A CA  1 
ATOM   106 C C   . CYS A 1 15 ? -2.792  -2.246  2.140   1.00 18.76 ? 13  CYS A C   1 
ATOM   107 O O   . CYS A 1 15 ? -1.647  -2.643  1.845   1.00 18.51 ? 13  CYS A O   1 
ATOM   108 C CB  . CYS A 1 15 ? -3.103  -0.132  0.861   1.00 18.64 ? 13  CYS A CB  1 
ATOM   109 S SG  . CYS A 1 15 ? -3.677  0.642   -0.665  1.00 17.31 ? 13  CYS A SG  1 
ATOM   110 N N   . LEU A 1 16 ? -3.290  -2.358  3.366   1.00 18.26 ? 14  LEU A N   1 
ATOM   111 C CA  . LEU A 1 16 ? -2.484  -2.908  4.433   1.00 18.61 ? 14  LEU A CA  1 
ATOM   112 C C   . LEU A 1 16 ? -2.041  -4.381  4.171   1.00 18.67 ? 14  LEU A C   1 
ATOM   113 O O   . LEU A 1 16 ? -0.846  -4.677  4.216   1.00 19.41 ? 14  LEU A O   1 
ATOM   114 C CB  . LEU A 1 16 ? -3.152  -2.699  5.789   1.00 19.72 ? 14  LEU A CB  1 
ATOM   115 C CG  . LEU A 1 16 ? -2.809  -1.373  6.498   1.00 22.70 ? 14  LEU A CG  1 
ATOM   116 C CD1 . LEU A 1 16 ? -2.832  -0.153  5.610   1.00 22.60 ? 14  LEU A CD1 1 
ATOM   117 C CD2 . LEU A 1 16 ? -3.627  -1.122  7.762   1.00 22.83 ? 14  LEU A CD2 1 
ATOM   118 N N   . PRO A 1 17 ? -2.975  -5.264  3.799   1.00 22.26 ? 15  PRO A N   1 
ATOM   119 C CA  . PRO A 1 17 ? -2.563  -6.623  3.467   1.00 22.67 ? 15  PRO A CA  1 
ATOM   120 C C   . PRO A 1 17 ? -1.701  -6.711  2.215   1.00 23.01 ? 15  PRO A C   1 
ATOM   121 O O   . PRO A 1 17 ? -0.767  -7.536  2.157   1.00 22.85 ? 15  PRO A O   1 
ATOM   122 C CB  . PRO A 1 17 ? -3.899  -7.356  3.238   1.00 25.36 ? 15  PRO A CB  1 
ATOM   123 C CG  . PRO A 1 17 ? -4.922  -6.553  3.914   1.00 26.12 ? 15  PRO A CG  1 
ATOM   124 C CD  . PRO A 1 17 ? -4.441  -5.135  3.905   1.00 23.44 ? 15  PRO A CD  1 
ATOM   125 N N   . LYS A 1 18 ? -1.971  -5.836  1.250   1.00 21.31 ? 16  LYS A N   1 
ATOM   126 C CA  . LYS A 1 18 ? -1.149  -5.740  0.041   1.00 24.15 ? 16  LYS A CA  1 
ATOM   127 C C   . LYS A 1 18 ? 0.272   -5.297  0.346   1.00 23.07 ? 16  LYS A C   1 
ATOM   128 O O   . LYS A 1 18 ? 1.261   -5.880  -0.163  1.00 23.75 ? 16  LYS A O   1 
ATOM   129 C CB  . LYS A 1 18 ? -1.800  -4.798  -0.966  1.00 27.80 ? 16  LYS A CB  1 
ATOM   130 C CG  . LYS A 1 18 ? -3.182  -5.240  -1.430  1.00 32.60 ? 16  LYS A CG  1 
ATOM   131 C CD  . LYS A 1 18 ? -3.097  -6.582  -2.147  1.00 44.33 ? 16  LYS A CD  1 
ATOM   132 C CE  . LYS A 1 18 ? -4.070  -6.671  -3.307  1.00 52.52 ? 16  LYS A CE  1 
ATOM   133 N NZ  . LYS A 1 18 ? -5.398  -6.090  -2.970  1.00 57.98 ? 16  LYS A NZ  1 
ATOM   134 N N   . CYS A 1 19 ? 0.400   -4.305  1.214   1.00 20.06 ? 17  CYS A N   1 
ATOM   135 C CA  . CYS A 1 19 ? 1.697   -3.868  1.671   1.00 19.59 ? 17  CYS A CA  1 
ATOM   136 C C   . CYS A 1 19 ? 2.409   -4.945  2.482   1.00 21.47 ? 17  CYS A C   1 
ATOM   137 O O   . CYS A 1 19 ? 3.615   -5.173  2.321   1.00 21.86 ? 17  CYS A O   1 
ATOM   138 C CB  . CYS A 1 19 ? 1.571   -2.588  2.476   1.00 20.54 ? 17  CYS A CB  1 
ATOM   139 S SG  . CYS A 1 19 ? 1.137   -1.158  1.402   1.00 18.20 ? 17  CYS A SG  1 
ATOM   140 N N   . LYS A 1 20 ? 1.677   -5.619  3.346   1.00 22.93 ? 18  LYS A N   1 
ATOM   141 C CA  . LYS A 1 20 ? 2.312   -6.649  4.188   1.00 23.92 ? 18  LYS A CA  1 
ATOM   142 C C   . LYS A 1 20 ? 2.952   -7.723  3.305   1.00 26.01 ? 18  LYS A C   1 
ATOM   143 O O   . LYS A 1 20 ? 4.072   -8.178  3.566   1.00 26.74 ? 18  LYS A O   1 
ATOM   144 C CB  . LYS A 1 20 ? 1.277   -7.295  5.106   1.00 29.27 ? 18  LYS A CB  1 
ATOM   145 C CG  . LYS A 1 20 ? 1.872   -8.454  5.907   1.00 36.66 ? 18  LYS A CG  1 
ATOM   146 C CD  . LYS A 1 20 ? 1.163   -8.678  7.225   1.00 47.94 ? 18  LYS A CD  1 
ATOM   147 C CE  . LYS A 1 20 ? 2.024   -9.514  8.169   1.00 54.86 ? 18  LYS A CE  1 
ATOM   148 N NZ  . LYS A 1 20 ? 1.158   -10.320 9.071   1.00 63.15 ? 18  LYS A NZ  1 
ATOM   149 N N   . GLU A 1 21 ? 2.244   -8.103  2.260   1.00 25.95 ? 19  GLU A N   1 
ATOM   150 C CA  . GLU A 1 21 ? 2.714   -9.121  1.333   1.00 33.76 ? 19  GLU A CA  1 
ATOM   151 C C   . GLU A 1 21 ? 3.863   -8.592  0.455   1.00 33.94 ? 19  GLU A C   1 
ATOM   152 O O   . GLU A 1 21 ? 4.868   -9.269  0.281   1.00 30.87 ? 19  GLU A O   1 
ATOM   153 C CB  . GLU A 1 21 ? 1.531   -9.624  0.493   1.00 41.77 ? 19  GLU A CB  1 
ATOM   154 C CG  . GLU A 1 21 ? 1.848   -9.981  -0.950  1.00 57.86 ? 19  GLU A CG  1 
ATOM   155 C CD  . GLU A 1 21 ? 0.585   -10.117 -1.790  1.00 72.02 ? 19  GLU A CD  1 
ATOM   156 O OE1 . GLU A 1 21 ? -0.225  -9.150  -1.829  1.00 80.76 ? 19  GLU A OE1 1 
ATOM   157 O OE2 . GLU A 1 21 ? 0.395   -11.193 -2.398  1.00 77.45 ? 19  GLU A OE2 1 
ATOM   158 N N   . ALA A 1 22 ? 3.766   -7.338  0.011   1.00 32.83 ? 20  ALA A N   1 
ATOM   159 C CA  . ALA A 1 22 ? 4.800   -6.736  -0.863  1.00 31.24 ? 20  ALA A CA  1 
ATOM   160 C C   . ALA A 1 22 ? 6.111   -6.419  -0.122  1.00 28.52 ? 20  ALA A C   1 
ATOM   161 O O   . ALA A 1 22 ? 7.188   -6.824  -0.559  1.00 29.23 ? 20  ALA A O   1 
ATOM   162 C CB  . ALA A 1 22 ? 4.254   -5.476  -1.545  1.00 36.90 ? 20  ALA A CB  1 
ATOM   163 N N   . ILE A 1 23 ? 6.021   -5.728  1.006   1.00 24.45 ? 21  ILE A N   1 
ATOM   164 C CA  . ILE A 1 23 ? 7.197   -5.217  1.701   1.00 28.10 ? 21  ILE A CA  1 
ATOM   165 C C   . ILE A 1 23 ? 7.317   -5.608  3.157   1.00 29.90 ? 21  ILE A C   1 
ATOM   166 O O   . ILE A 1 23 ? 8.287   -5.215  3.831   1.00 32.61 ? 21  ILE A O   1 
ATOM   167 C CB  . ILE A 1 23 ? 7.341   -3.676  1.551   1.00 32.77 ? 21  ILE A CB  1 
ATOM   168 C CG1 . ILE A 1 23 ? 6.075   -2.923  1.993   1.00 36.09 ? 21  ILE A CG1 1 
ATOM   169 C CG2 . ILE A 1 23 ? 7.566   -3.355  0.079   1.00 37.02 ? 21  ILE A CG2 1 
ATOM   170 C CD1 . ILE A 1 23 ? 5.894   -2.634  3.484   1.00 37.32 ? 21  ILE A CD1 1 
ATOM   171 N N   . GLY A 1 24 ? 6.331   -6.339  3.667   1.00 30.97 ? 22  GLY A N   1 
ATOM   172 C CA  . GLY A 1 24 ? 6.462   -6.998  4.948   1.00 28.16 ? 22  GLY A CA  1 
ATOM   173 C C   . GLY A 1 24 ? 5.869   -6.284  6.144   1.00 30.44 ? 22  GLY A C   1 
ATOM   174 O O   . GLY A 1 24 ? 6.019   -6.764  7.260   1.00 27.62 ? 22  GLY A O   1 
ATOM   175 N N   . LYS A 1 25 ? 5.176   -5.147  5.928   1.00 25.09 ? 23  LYS A N   1 
ATOM   176 C CA  . LYS A 1 25 ? 4.554   -4.382  7.020   1.00 27.15 ? 23  LYS A CA  1 
ATOM   177 C C   . LYS A 1 25 ? 3.140   -3.973  6.594   1.00 25.10 ? 23  LYS A C   1 
ATOM   178 O O   . LYS A 1 25 ? 2.943   -3.576  5.444   1.00 22.89 ? 23  LYS A O   1 
ATOM   179 C CB  . LYS A 1 25 ? 5.331   -3.095  7.303   1.00 31.96 ? 23  LYS A CB  1 
ATOM   180 C CG  . LYS A 1 25 ? 6.781   -3.288  7.688   1.00 39.70 ? 23  LYS A CG  1 
ATOM   181 C CD  . LYS A 1 25 ? 6.927   -3.692  9.142   1.00 42.05 ? 23  LYS A CD  1 
ATOM   182 C CE  . LYS A 1 25 ? 8.399   -3.758  9.508   1.00 49.37 ? 23  LYS A CE  1 
ATOM   183 N NZ  . LYS A 1 25 ? 8.604   -4.279  10.882  1.00 55.39 ? 23  LYS A NZ  1 
ATOM   184 N N   . SER A 1 26 ? 2.192   -4.037  7.538   1.00 22.32 ? 24  SER A N   1 
ATOM   185 C CA  . SER A 1 26 ? 0.818   -3.572  7.338   1.00 21.67 ? 24  SER A CA  1 
ATOM   186 C C   . SER A 1 26 ? 0.723   -2.060  7.621   1.00 21.37 ? 24  SER A C   1 
ATOM   187 O O   . SER A 1 26 ? 0.189   -1.615  8.666   1.00 20.82 ? 24  SER A O   1 
ATOM   188 C CB  . SER A 1 26 ? -0.130  -4.346  8.276   1.00 23.62 ? 24  SER A CB  1 
ATOM   189 O OG  . SER A 1 26 ? -0.142  -5.727  7.937   1.00 26.47 ? 24  SER A OG  1 
ATOM   190 N N   . ALA A 1 27 ? 1.388   -1.290  6.758   1.00 19.69 ? 25  ALA A N   1 
ATOM   191 C CA  . ALA A 1 27 ? 1.502   0.139   6.897   1.00 19.06 ? 25  ALA A CA  1 
ATOM   192 C C   . ALA A 1 27 ? 1.445   0.744   5.515   1.00 18.52 ? 25  ALA A C   1 
ATOM   193 O O   . ALA A 1 27 ? 2.286   0.453   4.680   1.00 17.26 ? 25  ALA A O   1 
ATOM   194 C CB  . ALA A 1 27 ? 2.794   0.512   7.568   1.00 20.92 ? 25  ALA A CB  1 
ATOM   195 N N   . GLY A 1 28 ? 0.433   1.554   5.254   1.00 15.76 ? 26  GLY A N   1 
ATOM   196 C CA  . GLY A 1 28 ? 0.243   2.034   3.911   1.00 17.78 ? 26  GLY A CA  1 
ATOM   197 C C   . GLY A 1 28 ? -0.951  2.925   3.744   1.00 17.23 ? 26  GLY A C   1 
ATOM   198 O O   . GLY A 1 28 ? -1.683  3.220   4.700   1.00 15.54 ? 26  GLY A O   1 
ATOM   199 N N   . LYS A 1 29 ? -1.130  3.366   2.512   1.00 16.13 ? 27  LYS A N   1 
ATOM   200 C CA  . LYS A 1 29 ? -2.273  4.212   2.162   1.00 17.27 ? 27  LYS A CA  1 
ATOM   201 C C   . LYS A 1 29 ? -2.519  4.146   0.658   1.00 17.06 ? 27  LYS A C   1 
ATOM   202 O O   . LYS A 1 29 ? -1.620  3.787   -0.147  1.00 17.34 ? 27  LYS A O   1 
ATOM   203 C CB  . LYS A 1 29 ? -2.036  5.660   2.595   1.00 18.86 ? 27  LYS A CB  1 
ATOM   204 C CG  . LYS A 1 29 ? -0.892  6.320   1.902   1.00 21.47 ? 27  LYS A CG  1 
ATOM   205 C CD  . LYS A 1 29 ? -0.746  7.775   2.310   1.00 23.40 ? 27  LYS A CD  1 
ATOM   206 C CE  . LYS A 1 29 ? 0.516   8.355   1.708   1.00 30.87 ? 27  LYS A CE  1 
ATOM   207 N NZ  . LYS A 1 29 ? 0.468   9.834   1.828   1.00 31.49 ? 27  LYS A NZ  1 
ATOM   208 N N   . CYS A 1 30 ? -3.730  4.498   0.285   1.00 16.79 ? 28  CYS A N   1 
ATOM   209 C CA  . CYS A 1 30 ? -4.114  4.585   -1.118  1.00 17.07 ? 28  CYS A CA  1 
ATOM   210 C C   . CYS A 1 30 ? -3.934  5.998   -1.560  1.00 18.96 ? 28  CYS A C   1 
ATOM   211 O O   . CYS A 1 30 ? -4.507  6.922   -0.943  1.00 18.94 ? 28  CYS A O   1 
ATOM   212 C CB  . CYS A 1 30 ? -5.571  4.241   -1.271  1.00 19.27 ? 28  CYS A CB  1 
ATOM   213 S SG  . CYS A 1 30 ? -6.044  4.015   -2.989  1.00 17.93 ? 28  CYS A SG  1 
ATOM   214 N N   . MET A 1 31 ? -3.099  6.197   -2.565  1.00 17.18 ? 29  MET A N   1 
ATOM   215 C CA  . MET A 1 31 ? -2.832  7.542   -3.079  1.00 19.34 ? 29  MET A CA  1 
ATOM   216 C C   . MET A 1 31 ? -2.824  7.550   -4.607  1.00 18.47 ? 29  MET A C   1 
ATOM   217 O O   . MET A 1 31 ? -2.135  6.729   -5.257  1.00 17.58 ? 29  MET A O   1 
ATOM   218 C CB  . MET A 1 31 ? -1.504  8.061   -2.528  1.00 22.63 ? 29  MET A CB  1 
ATOM   219 C CG  . MET A 1 31 ? -1.168  9.465   -2.952  1.00 28.96 ? 29  MET A CG  1 
ATOM   220 S SD  . MET A 1 31 ? 0.250   10.079  -1.993  1.00 39.04 ? 29  MET A SD  1 
ATOM   221 C CE  . MET A 1 31 ? 1.611   9.693   -3.101  1.00 41.15 ? 29  MET A CE  1 
ATOM   222 N N   . ASN A 1 32 ? -3.602  8.459   -5.188  1.00 22.28 ? 30  ASN A N   1 
ATOM   223 C CA  . ASN A 1 32 ? -3.772  8.486   -6.651  1.00 23.85 ? 30  ASN A CA  1 
ATOM   224 C C   . ASN A 1 32 ? -4.088  7.128   -7.201  1.00 22.03 ? 30  ASN A C   1 
ATOM   225 O O   . ASN A 1 32 ? -3.703  6.784   -8.320  1.00 23.79 ? 30  ASN A O   1 
ATOM   226 C CB  . ASN A 1 32 ? -2.514  9.023   -7.305  1.00 28.42 ? 30  ASN A CB  1 
ATOM   227 C CG  . ASN A 1 32 ? -2.202  10.438  -6.843  1.00 35.95 ? 30  ASN A CG  1 
ATOM   228 O OD1 . ASN A 1 32 ? -3.112  11.253  -6.662  1.00 35.78 ? 30  ASN A OD1 1 
ATOM   229 N ND2 . ASN A 1 32 ? -0.936  10.700  -6.551  1.00 38.77 ? 30  ASN A ND2 1 
ATOM   230 N N   . GLY A 1 33 ? -4.916  6.400   -6.482  1.00 19.98 ? 31  GLY A N   1 
ATOM   231 C CA  . GLY A 1 33 ? -5.413  5.157   -6.973  1.00 18.58 ? 31  GLY A CA  1 
ATOM   232 C C   . GLY A 1 33 ? -4.548  3.931   -6.889  1.00 17.40 ? 31  GLY A C   1 
ATOM   233 O O   . GLY A 1 33 ? -5.020  2.861   -7.266  1.00 17.07 ? 31  GLY A O   1 
ATOM   234 N N   . LYS A 1 34 ? -3.360  4.041   -6.253  1.00 16.98 ? 32  LYS A N   1 
ATOM   235 C CA  . LYS A 1 34 ? -2.495  2.900   -6.037  1.00 17.02 ? 32  LYS A CA  1 
ATOM   236 C C   . LYS A 1 34 ? -1.928  2.911   -4.623  1.00 15.62 ? 32  LYS A C   1 
ATOM   237 O O   . LYS A 1 34 ? -1.814  3.962   -3.975  1.00 14.42 ? 32  LYS A O   1 
ATOM   238 C CB  . LYS A 1 34 ? -1.355  2.847   -7.074  1.00 18.77 ? 32  LYS A CB  1 
ATOM   239 C CG  . LYS A 1 34 ? -1.859  2.478   -8.493  1.00 22.08 ? 32  LYS A CG  1 
ATOM   240 C CD  . LYS A 1 34 ? -0.718  2.296   -9.470  1.00 27.38 ? 32  LYS A CD  1 
ATOM   241 C CE  . LYS A 1 34 ? -1.243  2.016   -10.864 1.00 32.52 ? 32  LYS A CE  1 
ATOM   242 N NZ  . LYS A 1 34 ? -0.073  1.993   -11.770 1.00 36.62 ? 32  LYS A NZ  1 
ATOM   243 N N   . CYS A 1 35 ? -1.655  1.729   -4.120  1.00 14.84 ? 33  CYS A N   1 
ATOM   244 C CA  . CYS A 1 35 ? -1.122  1.597   -2.752  1.00 15.72 ? 33  CYS A CA  1 
ATOM   245 C C   . CYS A 1 35 ? 0.325   2.126   -2.624  1.00 16.47 ? 33  CYS A C   1 
ATOM   246 O O   . CYS A 1 35 ? 1.176   1.890   -3.490  1.00 16.54 ? 33  CYS A O   1 
ATOM   247 C CB  . CYS A 1 35 ? -1.174  0.142   -2.302  1.00 17.60 ? 33  CYS A CB  1 
ATOM   248 S SG  . CYS A 1 35 ? -2.843  -0.508  -2.141  1.00 17.64 ? 33  CYS A SG  1 
ATOM   249 N N   . LYS A 1 36 ? 0.602   2.713   -1.451  1.00 16.03 ? 34  LYS A N   1 
ATOM   250 C CA  . LYS A 1 36 ? 1.911   3.186   -1.033  1.00 16.61 ? 34  LYS A CA  1 
ATOM   251 C C   . LYS A 1 36 ? 2.157   2.549   0.320   1.00 17.42 ? 34  LYS A C   1 
ATOM   252 O O   . LYS A 1 36 ? 1.222   2.403   1.107   1.00 18.06 ? 34  LYS A O   1 
ATOM   253 C CB  . LYS A 1 36 ? 1.926   4.717   -0.868  1.00 19.22 ? 34  LYS A CB  1 
ATOM   254 C CG  . LYS A 1 36 ? 1.337   5.506   -2.014  1.00 22.66 ? 34  LYS A CG  1 
ATOM   255 C CD  . LYS A 1 36 ? 2.099   5.247   -3.288  1.00 23.88 ? 34  LYS A CD  1 
ATOM   256 C CE  . LYS A 1 36 ? 1.647   6.130   -4.430  1.00 22.29 ? 34  LYS A CE  1 
ATOM   257 N NZ  . LYS A 1 36 ? 0.675   5.430   -5.273  1.00 21.45 ? 34  LYS A NZ  1 
ATOM   258 N N   . CYS A 1 37 ? 3.365   2.035   0.512   1.00 16.36 ? 35  CYS A N   1 
ATOM   259 C CA  . CYS A 1 37 ? 3.699   1.161   1.621   1.00 16.44 ? 35  CYS A CA  1 
ATOM   260 C C   . CYS A 1 37 ? 4.903   1.718   2.379   1.00 16.45 ? 35  CYS A C   1 
ATOM   261 O O   . CYS A 1 37 ? 5.796   2.346   1.801   1.00 15.61 ? 35  CYS A O   1 
ATOM   262 C CB  . CYS A 1 37 ? 4.022   -0.256  1.106   1.00 17.71 ? 35  CYS A CB  1 
ATOM   263 S SG  . CYS A 1 37 ? 2.713   -0.980  0.098   1.00 17.66 ? 35  CYS A SG  1 
ATOM   264 N N   . TYR A 1 38 ? 4.981   1.364   3.644   1.00 16.40 ? 36  TYR A N   1 
ATOM   265 C CA  . TYR A 1 38 ? 6.057   1.847   4.505   1.00 19.41 ? 36  TYR A CA  1 
ATOM   266 C C   . TYR A 1 38 ? 6.751   0.654   5.186   1.00 23.13 ? 36  TYR A C   1 
ATOM   267 O O   . TYR A 1 38 ? 6.169   0.007   6.060   1.00 22.82 ? 36  TYR A O   1 
ATOM   268 C CB  . TYR A 1 38 ? 5.505   2.808   5.554   1.00 20.60 ? 36  TYR A CB  1 
ATOM   269 C CG  . TYR A 1 38 ? 5.003   4.065   4.931   1.00 19.16 ? 36  TYR A CG  1 
ATOM   270 C CD1 . TYR A 1 38 ? 3.765   4.100   4.311   1.00 20.46 ? 36  TYR A CD1 1 
ATOM   271 C CD2 . TYR A 1 38 ? 5.832   5.181   4.813   1.00 23.92 ? 36  TYR A CD2 1 
ATOM   272 C CE1 . TYR A 1 38 ? 3.350   5.225   3.620   1.00 21.26 ? 36  TYR A CE1 1 
ATOM   273 C CE2 . TYR A 1 38 ? 5.399   6.315   4.152   1.00 24.34 ? 36  TYR A CE2 1 
ATOM   274 C CZ  . TYR A 1 38 ? 4.146   6.338   3.604   1.00 23.08 ? 36  TYR A CZ  1 
ATOM   275 O OH  . TYR A 1 38 ? 3.721   7.442   2.931   1.00 27.09 ? 36  TYR A OH  1 
ATOM   276 N N   . PRO A 1 39 ? 8.006   0.383   4.801   1.00 24.71 ? 37  PRO A N   1 
ATOM   277 C CA  . PRO A 1 39 ? 8.718   -0.772  5.307   1.00 27.96 ? 37  PRO A CA  1 
ATOM   278 C C   . PRO A 1 39 ? 9.281   -0.518  6.704   1.00 32.98 ? 37  PRO A C   1 
ATOM   279 O O   . PRO A 1 39 ? 9.441   0.624   7.109   1.00 29.88 ? 37  PRO A O   1 
ATOM   280 C CB  . PRO A 1 39 ? 9.867   -0.931  4.301   1.00 29.89 ? 37  PRO A CB  1 
ATOM   281 C CG  . PRO A 1 39 ? 10.156  0.453   3.869   1.00 30.97 ? 37  PRO A CG  1 
ATOM   282 C CD  . PRO A 1 39 ? 8.786   1.082   3.760   1.00 29.98 ? 37  PRO A CD  1 
ATOM   283 O OXT . PRO A 1 39 ? 9.632   -1.461  7.413   1.00 33.90 ? 37  PRO A OXT 1 
HETATM 284 O O   . HOH B 2 .  ? -12.184 5.350   -0.307  1.00 33.47 ? 101 HOH A O   1 
HETATM 285 O O   . HOH B 2 .  ? -6.355  -3.012  -3.475  1.00 36.02 ? 102 HOH A O   1 
HETATM 286 O O   . HOH B 2 .  ? 8.520   2.950   6.902   1.00 42.75 ? 103 HOH A O   1 
HETATM 287 O O   . HOH B 2 .  ? -6.681  -5.875  0.463   1.00 32.74 ? 104 HOH A O   1 
HETATM 288 O O   . HOH B 2 .  ? 9.678   3.827   2.455   1.00 29.13 ? 105 HOH A O   1 
HETATM 289 O O   . HOH B 2 .  ? -6.323  -3.907  -6.929  1.00 37.69 ? 106 HOH A O   1 
HETATM 290 O O   . HOH B 2 .  ? 8.618   7.426   -2.829  1.00 21.25 ? 107 HOH A O   1 
HETATM 291 O O   . HOH B 2 .  ? -0.146  -6.793  10.387  1.00 42.96 ? 108 HOH A O   1 
HETATM 292 O O   . HOH B 2 .  ? 1.102   8.929   -6.494  1.00 46.91 ? 109 HOH A O   1 
HETATM 293 O O   . HOH B 2 .  ? -2.566  -6.287  6.874   1.00 27.72 ? 110 HOH A O   1 
HETATM 294 O O   . HOH B 2 .  ? -1.094  -9.889  3.458   1.00 36.25 ? 111 HOH A O   1 
HETATM 295 O O   . HOH B 2 .  ? 0.599   6.538   -7.757  1.00 31.45 ? 112 HOH A O   1 
HETATM 296 O O   . HOH B 2 .  ? 0.871   -6.751  -2.711  1.00 36.42 ? 113 HOH A O   1 
HETATM 297 O O   . HOH B 2 .  ? -6.614  -3.302  6.591   1.00 31.61 ? 114 HOH A O   1 
HETATM 298 O O   . HOH B 2 .  ? -7.038  3.066   -13.345 1.00 34.97 ? 115 HOH A O   1 
HETATM 299 O O   . HOH B 2 .  ? -7.348  2.955   -8.700  1.00 19.10 ? 116 HOH A O   1 
HETATM 300 O O   . HOH B 2 .  ? -4.372  8.580   1.266   1.00 22.94 ? 117 HOH A O   1 
HETATM 301 O O   . HOH B 2 .  ? -4.126  -3.428  -9.322  1.00 32.14 ? 118 HOH A O   1 
HETATM 302 O O   . HOH B 2 .  ? -4.934  10.335  -3.631  1.00 27.54 ? 119 HOH A O   1 
HETATM 303 O O   . HOH B 2 .  ? -2.102  -1.823  -11.282 1.00 43.71 ? 120 HOH A O   1 
HETATM 304 O O   . HOH B 2 .  ? 6.133   0.465   8.804   1.00 28.80 ? 121 HOH A O   1 
HETATM 305 O O   . HOH B 2 .  ? 2.026   3.174   -6.346  1.00 20.43 ? 122 HOH A O   1 
HETATM 306 O O   . HOH B 2 .  ? -3.969  4.932   -10.492 1.00 32.54 ? 123 HOH A O   1 
HETATM 307 O O   . HOH B 2 .  ? -9.341  5.248   2.990   1.00 25.25 ? 124 HOH A O   1 
HETATM 308 O O   . HOH B 2 .  ? 2.899   -5.473  9.937   1.00 41.99 ? 125 HOH A O   1 
HETATM 309 O O   . HOH B 2 .  ? 5.810   9.492   2.760   1.00 35.06 ? 126 HOH A O   1 
HETATM 310 O O   . HOH B 2 .  ? -9.904  0.124   1.461   1.00 22.85 ? 127 HOH A O   1 
HETATM 311 O O   . HOH B 2 .  ? 5.920   9.311   -0.487  1.00 37.15 ? 128 HOH A O   1 
HETATM 312 O O   . HOH B 2 .  ? -6.890  7.325   -4.456  1.00 19.40 ? 129 HOH A O   1 
HETATM 313 O O   . HOH B 2 .  ? 2.416   3.729   -11.218 1.00 37.40 ? 130 HOH A O   1 
HETATM 314 O O   . HOH B 2 .  ? 1.293   -2.069  11.538  1.00 37.40 ? 131 HOH A O   1 
HETATM 315 O O   . HOH B 2 .  ? 9.298   0.104   10.178  1.00 48.59 ? 132 HOH A O   1 
HETATM 316 O O   . HOH B 2 .  ? 7.954   9.228   3.957   1.00 36.66 ? 133 HOH A O   1 
HETATM 317 O O   . HOH B 2 .  ? -7.552  6.730   0.750   1.00 42.82 ? 134 HOH A O   1 
HETATM 318 O O   . HOH B 2 .  ? 12.694  7.432   0.212   1.00 49.08 ? 135 HOH A O   1 
HETATM 319 O O   . HOH B 2 .  ? 3.248   9.919   0.113   1.00 49.01 ? 136 HOH A O   1 
HETATM 320 O O   . HOH B 2 .  ? -6.096  1.967   -16.813 1.00 46.47 ? 137 HOH A O   1 
HETATM 321 O O   . HOH B 2 .  ? -2.428  2.679   -14.148 1.00 54.24 ? 138 HOH A O   1 
HETATM 322 O O   . HOH B 2 .  ? -3.023  -9.289  0.271   1.00 45.28 ? 139 HOH A O   1 
HETATM 323 O O   . HOH B 2 .  ? 3.978   0.168   -12.704 1.00 39.91 ? 140 HOH A O   1 
HETATM 324 O O   . HOH B 2 .  ? 1.215   -11.476 3.485   1.00 44.49 ? 141 HOH A O   1 
HETATM 325 O O   . HOH B 2 .  ? -5.587  -8.615  0.318   1.00 39.09 ? 142 HOH A O   1 
HETATM 326 O O   . HOH B 2 .  ? -2.515  -11.344 1.687   1.00 43.29 ? 143 HOH A O   1 
HETATM 327 O O   . HOH B 2 .  ? 2.747   4.257   -8.983  1.00 32.69 ? 144 HOH A O   1 
HETATM 328 O O   . HOH B 2 .  ? -11.093 4.300   4.966   1.00 49.15 ? 145 HOH A O   1 
# 
